data_2E5V
#
_entry.id   2E5V
#
_cell.length_a   54.970
_cell.length_b   103.256
_cell.length_c   163.817
_cell.angle_alpha   90.00
_cell.angle_beta   90.00
_cell.angle_gamma   90.00
#
_symmetry.space_group_name_H-M   'P 21 21 21'
#
loop_
_entity.id
_entity.type
_entity.pdbx_description
1 polymer 'L-aspartate oxidase'
2 non-polymer 'CHLORIDE ION'
3 non-polymer 'FLAVIN-ADENINE DINUCLEOTIDE'
4 water water
#
_entity_poly.entity_id   1
_entity_poly.type   'polypeptide(L)'
_entity_poly.pdbx_seq_one_letter_code
;MIYIIGSGIAGLSAGVALRRAGKKVTLISKRIDGGSTPIAKGGVAASVGSDDSPELHAQDTIRVGDGLCDVKTVNYVTSE
AKNVIETFESWGFEFEEDLRLEGGHTKRRVLHRTDETGREIFNFLLKLAREEGIPIIEDRLVEIRVKDGKVTGFVTEKRG
LVEDVDKLVLATGGYSYLYEYSSTQSTNIGDGMAIAFKAGTILADMEFVQFHPTVTSLDGEVFLLTETLRGEGAQIINEN
GERFLFNYDKRGELAPRDILSRAIYIEMLKGHKVFIDLSKIEDFERKFPVVAKYLARHGHNYKVKIPIFPAAHFVDGGIR
VNIRGESNIVNLYAIGEVSDSGLHGANRLASNSLLEGLVFGINLPRYVDSSWEGISTDDGIVHSVRISGNKTLSLKEIRR
INWENVGIIRNEEKLVKAINTYSSSTQNEAIISYLTALAAEIRKESRGNHFREDYPYKDPNWEKRIYFKLVV
;
_entity_poly.pdbx_strand_id   A,B
#
loop_
_chem_comp.id
_chem_comp.type
_chem_comp.name
_chem_comp.formula
CL non-polymer 'CHLORIDE ION' 'Cl -1'
FAD non-polymer 'FLAVIN-ADENINE DINUCLEOTIDE' 'C27 H33 N9 O15 P2'
#
# COMPACT_ATOMS: atom_id res chain seq x y z
N MET A 1 6.23 -8.01 44.18
CA MET A 1 5.73 -9.17 43.41
C MET A 1 5.21 -8.73 42.05
N ILE A 2 5.57 -9.49 41.01
CA ILE A 2 5.10 -9.20 39.67
C ILE A 2 4.01 -10.21 39.34
N TYR A 3 2.87 -9.72 38.87
CA TYR A 3 1.75 -10.57 38.52
C TYR A 3 1.56 -10.59 37.00
N ILE A 4 1.31 -11.79 36.47
CA ILE A 4 1.10 -11.96 35.04
C ILE A 4 -0.25 -12.64 34.85
N ILE A 5 -1.12 -11.99 34.10
CA ILE A 5 -2.45 -12.51 33.85
C ILE A 5 -2.49 -13.16 32.47
N GLY A 6 -2.67 -14.48 32.46
CA GLY A 6 -2.71 -15.21 31.21
C GLY A 6 -1.56 -16.22 31.17
N SER A 7 -1.85 -17.41 30.67
CA SER A 7 -0.86 -18.47 30.61
C SER A 7 -0.61 -18.95 29.18
N GLY A 8 -0.52 -18.00 28.26
CA GLY A 8 -0.27 -18.32 26.86
C GLY A 8 1.21 -18.11 26.60
N ILE A 9 1.63 -18.15 25.34
CA ILE A 9 3.05 -17.98 25.04
C ILE A 9 3.58 -16.66 25.60
N ALA A 10 2.76 -15.62 25.56
CA ALA A 10 3.17 -14.30 26.04
C ALA A 10 3.37 -14.28 27.57
N GLY A 11 2.33 -14.65 28.31
CA GLY A 11 2.43 -14.64 29.75
C GLY A 11 3.47 -15.60 30.31
N LEU A 12 3.52 -16.80 29.75
CA LEU A 12 4.47 -17.80 30.22
C LEU A 12 5.94 -17.44 30.00
N SER A 13 6.30 -17.01 28.79
CA SER A 13 7.69 -16.65 28.50
C SER A 13 8.13 -15.45 29.33
N ALA A 14 7.22 -14.51 29.55
CA ALA A 14 7.54 -13.35 30.37
C ALA A 14 7.80 -13.83 31.80
N GLY A 15 6.96 -14.75 32.27
CA GLY A 15 7.11 -15.28 33.61
C GLY A 15 8.46 -15.95 33.83
N VAL A 16 8.82 -16.84 32.91
CA VAL A 16 10.10 -17.54 33.01
C VAL A 16 11.26 -16.54 32.93
N ALA A 17 11.17 -15.61 31.99
CA ALA A 17 12.22 -14.61 31.82
C ALA A 17 12.36 -13.71 33.05
N LEU A 18 11.25 -13.24 33.58
CA LEU A 18 11.29 -12.37 34.76
C LEU A 18 11.83 -13.12 35.96
N ARG A 19 11.41 -14.38 36.10
CA ARG A 19 11.87 -15.19 37.22
C ARG A 19 13.37 -15.38 37.14
N ARG A 20 13.88 -15.61 35.93
CA ARG A 20 15.30 -15.81 35.76
C ARG A 20 16.08 -14.53 35.99
N ALA A 21 15.40 -13.40 35.81
CA ALA A 21 16.02 -12.10 36.03
C ALA A 21 16.00 -11.76 37.51
N GLY A 22 15.62 -12.74 38.34
CA GLY A 22 15.59 -12.54 39.78
C GLY A 22 14.32 -11.98 40.37
N LYS A 23 13.30 -11.78 39.54
CA LYS A 23 12.05 -11.23 40.02
C LYS A 23 11.12 -12.28 40.64
N LYS A 24 10.31 -11.84 41.60
CA LYS A 24 9.33 -12.72 42.22
C LYS A 24 8.11 -12.56 41.31
N VAL A 25 7.62 -13.69 40.79
CA VAL A 25 6.52 -13.66 39.86
C VAL A 25 5.39 -14.64 40.19
N THR A 26 4.16 -14.23 39.87
CA THR A 26 2.99 -15.06 40.08
C THR A 26 2.17 -15.04 38.80
N LEU A 27 1.78 -16.22 38.33
CA LEU A 27 0.98 -16.34 37.12
C LEU A 27 -0.47 -16.65 37.46
N ILE A 28 -1.40 -15.89 36.88
CA ILE A 28 -2.82 -16.09 37.12
C ILE A 28 -3.54 -16.18 35.79
N SER A 29 -4.31 -17.25 35.61
CA SER A 29 -5.04 -17.44 34.36
C SER A 29 -6.39 -18.14 34.61
N LYS A 30 -7.46 -17.66 33.99
CA LYS A 30 -8.77 -18.28 34.19
C LYS A 30 -8.85 -19.71 33.70
N ARG A 31 -7.97 -20.07 32.76
CA ARG A 31 -7.91 -21.44 32.24
C ARG A 31 -6.46 -21.61 31.78
N ILE A 32 -5.68 -22.37 32.53
CA ILE A 32 -4.27 -22.58 32.21
C ILE A 32 -4.04 -22.97 30.75
N ASP A 33 -4.87 -23.87 30.23
CA ASP A 33 -4.73 -24.32 28.84
C ASP A 33 -5.75 -23.66 27.90
N GLY A 34 -6.16 -22.44 28.24
CA GLY A 34 -7.11 -21.74 27.39
C GLY A 34 -6.36 -20.86 26.41
N GLY A 35 -7.05 -19.94 25.74
CA GLY A 35 -6.38 -19.06 24.80
C GLY A 35 -6.08 -19.68 23.45
N SER A 36 -5.36 -18.94 22.61
CA SER A 36 -5.03 -19.41 21.27
C SER A 36 -3.71 -20.18 21.16
N THR A 37 -2.77 -19.88 22.04
CA THR A 37 -1.47 -20.54 22.01
C THR A 37 -1.47 -22.07 21.96
N PRO A 38 -2.23 -22.72 22.86
CA PRO A 38 -2.27 -24.19 22.89
C PRO A 38 -2.72 -24.88 21.62
N ILE A 39 -3.59 -24.22 20.85
CA ILE A 39 -4.11 -24.82 19.64
C ILE A 39 -3.52 -24.31 18.34
N ALA A 40 -2.41 -23.60 18.43
CA ALA A 40 -1.75 -23.07 17.22
C ALA A 40 -1.00 -24.21 16.55
N LYS A 41 -1.33 -24.48 15.28
CA LYS A 41 -0.70 -25.59 14.55
C LYS A 41 0.23 -25.18 13.41
N GLY A 42 0.59 -23.91 13.36
CA GLY A 42 1.50 -23.45 12.32
C GLY A 42 2.87 -23.26 12.94
N GLY A 43 3.44 -22.07 12.82
CA GLY A 43 4.76 -21.84 13.38
C GLY A 43 5.09 -20.43 13.82
N VAL A 44 6.37 -20.18 14.04
CA VAL A 44 6.88 -18.88 14.48
C VAL A 44 7.82 -18.26 13.42
N ALA A 45 7.51 -17.06 12.98
CA ALA A 45 8.31 -16.36 11.98
C ALA A 45 9.63 -15.87 12.54
N ALA A 46 10.70 -16.01 11.77
CA ALA A 46 12.05 -15.56 12.16
C ALA A 46 12.94 -15.62 10.93
N SER A 47 13.47 -14.47 10.51
CA SER A 47 14.31 -14.40 9.32
C SER A 47 15.71 -15.01 9.46
N VAL A 48 15.77 -16.26 9.91
CA VAL A 48 17.05 -16.94 10.10
C VAL A 48 17.55 -17.71 8.89
N GLY A 49 16.77 -17.72 7.80
CA GLY A 49 17.19 -18.42 6.61
C GLY A 49 18.35 -17.72 5.93
N SER A 50 19.18 -18.48 5.20
CA SER A 50 20.34 -17.90 4.52
C SER A 50 19.94 -16.86 3.46
N ASP A 51 18.74 -17.00 2.91
CA ASP A 51 18.24 -16.07 1.88
C ASP A 51 17.30 -15.03 2.45
N ASP A 52 17.29 -14.89 3.77
CA ASP A 52 16.38 -13.96 4.43
C ASP A 52 17.10 -12.86 5.21
N SER A 53 16.31 -11.99 5.83
CA SER A 53 16.85 -10.89 6.63
C SER A 53 15.74 -10.18 7.37
N PRO A 54 16.08 -9.52 8.50
CA PRO A 54 15.10 -8.79 9.30
C PRO A 54 14.36 -7.75 8.44
N GLU A 55 15.10 -7.08 7.57
CA GLU A 55 14.53 -6.05 6.71
C GLU A 55 13.50 -6.60 5.73
N LEU A 56 13.76 -7.77 5.17
CA LEU A 56 12.83 -8.37 4.23
C LEU A 56 11.59 -8.79 5.01
N HIS A 57 11.83 -9.38 6.18
CA HIS A 57 10.73 -9.82 7.04
C HIS A 57 9.89 -8.57 7.37
N ALA A 58 10.57 -7.46 7.63
CA ALA A 58 9.89 -6.21 7.95
C ALA A 58 9.06 -5.75 6.75
N GLN A 59 9.65 -5.82 5.56
CA GLN A 59 8.96 -5.39 4.34
C GLN A 59 7.68 -6.19 4.09
N ASP A 60 7.75 -7.51 4.32
CA ASP A 60 6.59 -8.37 4.14
C ASP A 60 5.49 -8.02 5.13
N THR A 61 5.91 -7.72 6.37
CA THR A 61 4.99 -7.38 7.44
C THR A 61 4.30 -6.07 7.12
N ILE A 62 5.08 -5.06 6.73
CA ILE A 62 4.57 -3.74 6.38
C ILE A 62 3.57 -3.83 5.23
N ARG A 63 3.87 -4.70 4.25
CA ARG A 63 3.00 -4.85 3.09
C ARG A 63 1.57 -5.25 3.47
N VAL A 64 1.43 -6.33 4.23
CA VAL A 64 0.10 -6.77 4.63
C VAL A 64 -0.50 -5.79 5.64
N GLY A 65 0.38 -5.06 6.34
CA GLY A 65 -0.06 -4.08 7.32
C GLY A 65 -0.89 -2.97 6.70
N ASP A 66 -0.77 -2.86 5.38
CA ASP A 66 -1.52 -1.88 4.58
C ASP A 66 -1.41 -0.43 5.07
N GLY A 67 -0.23 -0.03 5.53
CA GLY A 67 -0.02 1.33 5.97
C GLY A 67 -0.28 1.66 7.43
N LEU A 68 -0.78 0.71 8.21
CA LEU A 68 -1.06 0.97 9.63
C LEU A 68 -0.02 0.40 10.60
N CYS A 69 0.98 -0.30 10.07
CA CYS A 69 2.02 -0.87 10.91
C CYS A 69 2.87 0.23 11.55
N ASP A 70 3.21 0.04 12.83
CA ASP A 70 4.09 0.98 13.51
C ASP A 70 5.46 0.52 13.06
N VAL A 71 6.09 1.28 12.17
CA VAL A 71 7.39 0.91 11.63
C VAL A 71 8.46 0.61 12.68
N LYS A 72 8.49 1.39 13.74
CA LYS A 72 9.46 1.19 14.80
C LYS A 72 9.29 -0.20 15.41
N THR A 73 8.04 -0.57 15.69
CA THR A 73 7.76 -1.88 16.27
C THR A 73 8.14 -3.01 15.31
N VAL A 74 7.78 -2.87 14.03
CA VAL A 74 8.08 -3.89 13.05
C VAL A 74 9.59 -4.14 12.98
N ASN A 75 10.37 -3.06 12.93
CA ASN A 75 11.81 -3.18 12.86
C ASN A 75 12.38 -3.83 14.12
N TYR A 76 11.80 -3.48 15.27
CA TYR A 76 12.24 -4.03 16.54
C TYR A 76 11.98 -5.53 16.62
N VAL A 77 10.75 -5.94 16.32
CA VAL A 77 10.39 -7.35 16.39
C VAL A 77 11.15 -8.22 15.39
N THR A 78 11.28 -7.75 14.15
CA THR A 78 11.98 -8.53 13.14
C THR A 78 13.48 -8.60 13.40
N SER A 79 14.05 -7.53 13.96
CA SER A 79 15.48 -7.52 14.25
C SER A 79 15.81 -8.30 15.51
N GLU A 80 14.80 -8.54 16.35
CA GLU A 80 14.97 -9.28 17.60
C GLU A 80 14.71 -10.77 17.43
N ALA A 81 13.88 -11.12 16.46
CA ALA A 81 13.50 -12.51 16.19
C ALA A 81 14.60 -13.55 16.36
N LYS A 82 15.70 -13.38 15.64
CA LYS A 82 16.80 -14.34 15.73
C LYS A 82 17.31 -14.57 17.15
N ASN A 83 17.76 -13.51 17.81
CA ASN A 83 18.28 -13.65 19.17
C ASN A 83 17.24 -14.10 20.19
N VAL A 84 15.97 -13.81 19.94
CA VAL A 84 14.91 -14.25 20.86
C VAL A 84 14.70 -15.76 20.69
N ILE A 85 14.73 -16.22 19.44
CA ILE A 85 14.58 -17.63 19.16
C ILE A 85 15.76 -18.38 19.79
N GLU A 86 16.96 -17.83 19.61
CA GLU A 86 18.16 -18.45 20.14
C GLU A 86 18.13 -18.51 21.67
N THR A 87 17.59 -17.46 22.29
CA THR A 87 17.49 -17.44 23.73
C THR A 87 16.52 -18.54 24.16
N PHE A 88 15.40 -18.62 23.46
CA PHE A 88 14.38 -19.61 23.76
C PHE A 88 14.93 -21.01 23.63
N GLU A 89 15.78 -21.24 22.62
CA GLU A 89 16.37 -22.55 22.41
C GLU A 89 17.42 -22.87 23.47
N SER A 90 18.05 -21.83 24.02
CA SER A 90 19.06 -22.04 25.05
C SER A 90 18.35 -22.54 26.29
N TRP A 91 17.07 -22.20 26.42
CA TRP A 91 16.27 -22.62 27.56
C TRP A 91 16.00 -24.12 27.50
N GLY A 92 16.19 -24.70 26.32
CA GLY A 92 15.98 -26.13 26.17
C GLY A 92 14.94 -26.52 25.13
N PHE A 93 14.53 -25.58 24.29
CA PHE A 93 13.53 -25.87 23.26
C PHE A 93 14.24 -25.94 21.91
N GLU A 94 13.87 -26.90 21.08
CA GLU A 94 14.51 -27.01 19.78
C GLU A 94 13.51 -27.07 18.63
N PHE A 95 13.61 -26.10 17.74
CA PHE A 95 12.73 -26.06 16.57
C PHE A 95 13.35 -26.97 15.51
N GLU A 96 12.55 -27.33 14.51
CA GLU A 96 13.03 -28.18 13.44
C GLU A 96 13.90 -27.31 12.52
N GLU A 97 14.82 -27.94 11.80
CA GLU A 97 15.71 -27.21 10.91
C GLU A 97 15.05 -26.68 9.65
N ASP A 98 14.02 -27.37 9.17
CA ASP A 98 13.31 -26.96 7.96
C ASP A 98 12.41 -25.76 8.21
N LEU A 99 12.64 -24.66 7.50
CA LEU A 99 11.83 -23.47 7.66
C LEU A 99 10.63 -23.54 6.70
N ARG A 100 9.43 -23.49 7.25
CA ARG A 100 8.21 -23.57 6.43
C ARG A 100 7.91 -22.25 5.73
N LEU A 101 7.05 -22.31 4.74
CA LEU A 101 6.64 -21.14 3.99
C LEU A 101 5.20 -20.80 4.34
N GLU A 102 4.88 -19.52 4.32
CA GLU A 102 3.53 -19.07 4.61
C GLU A 102 3.17 -17.96 3.63
N GLY A 103 1.90 -17.88 3.27
CA GLY A 103 1.46 -16.85 2.34
C GLY A 103 1.82 -15.49 2.91
N GLY A 104 2.33 -14.59 2.07
CA GLY A 104 2.70 -13.27 2.55
C GLY A 104 4.19 -13.14 2.75
N HIS A 105 4.87 -14.24 3.04
CA HIS A 105 6.31 -14.21 3.25
C HIS A 105 7.05 -14.44 1.94
N THR A 106 8.08 -13.63 1.69
CA THR A 106 8.88 -13.72 0.48
C THR A 106 9.85 -14.90 0.53
N LYS A 107 10.23 -15.29 1.74
CA LYS A 107 11.16 -16.41 1.93
C LYS A 107 10.64 -17.34 3.02
N ARG A 108 11.21 -18.55 3.07
CA ARG A 108 10.84 -19.54 4.09
C ARG A 108 11.43 -19.05 5.40
N ARG A 109 10.60 -18.85 6.40
CA ARG A 109 11.09 -18.38 7.69
C ARG A 109 10.25 -18.83 8.88
N VAL A 110 9.36 -19.78 8.65
CA VAL A 110 8.49 -20.26 9.73
C VAL A 110 9.02 -21.48 10.47
N LEU A 111 9.37 -21.27 11.73
CA LEU A 111 9.89 -22.33 12.60
C LEU A 111 8.78 -23.19 13.18
N HIS A 112 8.96 -24.51 13.09
CA HIS A 112 7.99 -25.49 13.60
C HIS A 112 8.63 -26.50 14.53
N ARG A 113 7.77 -27.20 15.28
CA ARG A 113 8.18 -28.28 16.16
C ARG A 113 6.96 -29.18 16.29
N THR A 114 6.93 -30.22 15.47
CA THR A 114 5.83 -31.19 15.39
C THR A 114 4.66 -30.49 14.71
N ASP A 115 3.56 -31.19 14.51
CA ASP A 115 2.40 -30.58 13.87
C ASP A 115 1.61 -29.67 14.80
N GLU A 116 2.02 -29.59 16.06
CA GLU A 116 1.34 -28.74 17.04
C GLU A 116 2.36 -27.87 17.77
N THR A 117 3.00 -26.97 17.02
CA THR A 117 4.01 -26.09 17.60
C THR A 117 3.52 -25.31 18.82
N GLY A 118 2.31 -24.77 18.74
CA GLY A 118 1.77 -24.01 19.86
C GLY A 118 1.67 -24.86 21.11
N ARG A 119 1.17 -26.08 20.95
CA ARG A 119 1.02 -27.01 22.06
C ARG A 119 2.38 -27.29 22.70
N GLU A 120 3.37 -27.57 21.86
CA GLU A 120 4.73 -27.86 22.31
C GLU A 120 5.32 -26.69 23.10
N ILE A 121 5.19 -25.50 22.53
CA ILE A 121 5.71 -24.31 23.18
C ILE A 121 5.04 -24.12 24.54
N PHE A 122 3.73 -24.31 24.58
CA PHE A 122 2.93 -24.17 25.80
C PHE A 122 3.42 -25.14 26.88
N ASN A 123 3.44 -26.43 26.58
CA ASN A 123 3.88 -27.42 27.55
C ASN A 123 5.31 -27.15 28.01
N PHE A 124 6.18 -26.80 27.07
CA PHE A 124 7.57 -26.52 27.41
C PHE A 124 7.65 -25.37 28.41
N LEU A 125 6.99 -24.26 28.09
CA LEU A 125 7.02 -23.10 28.97
C LEU A 125 6.41 -23.41 30.32
N LEU A 126 5.36 -24.23 30.34
CA LEU A 126 4.72 -24.61 31.59
C LEU A 126 5.68 -25.44 32.43
N LYS A 127 6.48 -26.27 31.77
CA LYS A 127 7.44 -27.12 32.46
C LYS A 127 8.52 -26.24 33.09
N LEU A 128 8.95 -25.21 32.37
CA LEU A 128 9.98 -24.32 32.90
C LEU A 128 9.43 -23.48 34.05
N ALA A 129 8.21 -22.99 33.91
CA ALA A 129 7.59 -22.18 34.96
C ALA A 129 7.55 -23.00 36.25
N ARG A 130 7.23 -24.29 36.13
CA ARG A 130 7.15 -25.17 37.29
C ARG A 130 8.52 -25.36 37.94
N GLU A 131 9.54 -25.56 37.12
CA GLU A 131 10.89 -25.77 37.63
C GLU A 131 11.47 -24.50 38.23
N GLU A 132 10.93 -23.34 37.83
CA GLU A 132 11.39 -22.06 38.34
C GLU A 132 10.65 -21.69 39.62
N GLY A 133 9.71 -22.53 40.01
CA GLY A 133 8.95 -22.28 41.24
C GLY A 133 7.90 -21.19 41.12
N ILE A 134 7.52 -20.83 39.90
CA ILE A 134 6.51 -19.79 39.68
C ILE A 134 5.11 -20.30 39.96
N PRO A 135 4.39 -19.66 40.90
CA PRO A 135 3.04 -20.12 41.19
C PRO A 135 2.15 -19.92 39.98
N ILE A 136 1.37 -20.94 39.64
CA ILE A 136 0.48 -20.88 38.49
C ILE A 136 -0.92 -21.07 39.06
N ILE A 137 -1.68 -19.97 39.10
CA ILE A 137 -3.01 -19.99 39.68
C ILE A 137 -4.13 -19.84 38.67
N GLU A 138 -5.16 -20.67 38.83
CA GLU A 138 -6.31 -20.62 37.95
C GLU A 138 -7.36 -19.73 38.60
N ASP A 139 -7.38 -18.48 38.19
CA ASP A 139 -8.34 -17.50 38.72
C ASP A 139 -8.62 -16.53 37.57
N ARG A 140 -9.62 -15.69 37.76
CA ARG A 140 -10.02 -14.74 36.73
C ARG A 140 -9.91 -13.29 37.16
N LEU A 141 -9.20 -12.49 36.36
CA LEU A 141 -9.04 -11.07 36.64
C LEU A 141 -10.40 -10.43 36.40
N VAL A 142 -10.82 -9.53 37.28
CA VAL A 142 -12.12 -8.87 37.11
C VAL A 142 -12.05 -7.35 37.26
N GLU A 143 -10.95 -6.84 37.81
CA GLU A 143 -10.81 -5.39 37.99
C GLU A 143 -9.36 -5.00 38.23
N ILE A 144 -9.02 -3.78 37.85
CA ILE A 144 -7.68 -3.28 38.06
C ILE A 144 -7.79 -1.94 38.81
N ARG A 145 -7.00 -1.80 39.86
CA ARG A 145 -7.01 -0.56 40.65
C ARG A 145 -5.85 0.32 40.18
N VAL A 146 -6.13 1.61 40.03
CA VAL A 146 -5.12 2.57 39.61
C VAL A 146 -5.23 3.87 40.42
N LYS A 147 -4.09 4.50 40.68
CA LYS A 147 -4.04 5.77 41.40
C LYS A 147 -3.02 6.65 40.69
N ASP A 148 -3.39 7.90 40.41
CA ASP A 148 -2.52 8.82 39.69
C ASP A 148 -2.01 8.17 38.42
N GLY A 149 -2.89 7.45 37.72
CA GLY A 149 -2.50 6.79 36.49
C GLY A 149 -1.43 5.72 36.61
N LYS A 150 -1.42 5.04 37.76
CA LYS A 150 -0.45 3.98 38.04
C LYS A 150 -1.16 2.78 38.67
N VAL A 151 -0.76 1.57 38.30
CA VAL A 151 -1.37 0.38 38.87
C VAL A 151 -1.02 0.26 40.35
N THR A 152 -2.02 -0.03 41.18
CA THR A 152 -1.78 -0.20 42.61
C THR A 152 -2.26 -1.57 43.07
N GLY A 153 -3.23 -2.12 42.35
CA GLY A 153 -3.73 -3.44 42.71
C GLY A 153 -4.71 -3.97 41.68
N PHE A 154 -5.29 -5.14 41.95
CA PHE A 154 -6.26 -5.71 41.04
C PHE A 154 -7.11 -6.72 41.80
N VAL A 155 -8.25 -7.10 41.21
CA VAL A 155 -9.18 -8.03 41.85
C VAL A 155 -9.44 -9.27 40.98
N THR A 156 -9.49 -10.43 41.62
CA THR A 156 -9.78 -11.67 40.92
C THR A 156 -11.08 -12.23 41.46
N GLU A 157 -11.72 -13.06 40.65
CA GLU A 157 -12.99 -13.69 41.00
C GLU A 157 -12.90 -14.46 42.31
N LYS A 158 -11.91 -15.34 42.41
CA LYS A 158 -11.75 -16.18 43.58
C LYS A 158 -11.13 -15.56 44.83
N ARG A 159 -10.06 -14.79 44.67
CA ARG A 159 -9.38 -14.22 45.83
C ARG A 159 -9.65 -12.75 46.15
N GLY A 160 -10.38 -12.06 45.30
CA GLY A 160 -10.69 -10.67 45.56
C GLY A 160 -9.55 -9.69 45.32
N LEU A 161 -9.47 -8.68 46.17
CA LEU A 161 -8.46 -7.63 46.07
C LEU A 161 -7.01 -8.03 46.35
N VAL A 162 -6.13 -7.72 45.42
CA VAL A 162 -4.69 -7.99 45.56
C VAL A 162 -4.01 -6.63 45.63
N GLU A 163 -3.34 -6.36 46.74
CA GLU A 163 -2.71 -5.07 46.95
C GLU A 163 -1.18 -5.00 46.80
N ASP A 164 -0.52 -6.15 46.84
CA ASP A 164 0.95 -6.16 46.74
C ASP A 164 1.48 -6.31 45.31
N VAL A 165 1.22 -5.32 44.45
CA VAL A 165 1.67 -5.42 43.07
C VAL A 165 2.63 -4.31 42.62
N ASP A 166 3.84 -4.71 42.21
CA ASP A 166 4.84 -3.75 41.73
C ASP A 166 4.63 -3.58 40.21
N LYS A 167 4.22 -4.66 39.55
CA LYS A 167 3.96 -4.65 38.12
C LYS A 167 2.87 -5.63 37.75
N LEU A 168 2.02 -5.25 36.81
CA LEU A 168 0.95 -6.10 36.34
C LEU A 168 1.11 -6.28 34.83
N VAL A 169 1.35 -7.51 34.41
CA VAL A 169 1.53 -7.83 33.00
C VAL A 169 0.26 -8.51 32.47
N LEU A 170 -0.46 -7.81 31.59
CA LEU A 170 -1.67 -8.37 31.00
C LEU A 170 -1.28 -9.16 29.76
N ALA A 171 -1.62 -10.45 29.76
CA ALA A 171 -1.34 -11.35 28.65
C ALA A 171 -2.60 -12.20 28.48
N THR A 172 -3.74 -11.52 28.41
CA THR A 172 -5.02 -12.22 28.32
C THR A 172 -5.54 -12.56 26.94
N GLY A 173 -4.79 -12.23 25.90
CA GLY A 173 -5.23 -12.55 24.55
C GLY A 173 -6.29 -11.66 23.93
N GLY A 174 -6.75 -12.05 22.75
CA GLY A 174 -7.74 -11.27 22.02
C GLY A 174 -9.21 -11.58 22.24
N TYR A 175 -10.05 -11.00 21.39
CA TYR A 175 -11.50 -11.18 21.51
C TYR A 175 -12.16 -11.81 20.30
N SER A 176 -11.43 -12.67 19.59
CA SER A 176 -11.98 -13.32 18.41
C SER A 176 -13.11 -14.29 18.72
N TYR A 177 -13.33 -14.59 20.00
CA TYR A 177 -14.43 -15.49 20.36
C TYR A 177 -15.74 -14.71 20.41
N LEU A 178 -15.66 -13.39 20.30
CA LEU A 178 -16.85 -12.55 20.33
C LEU A 178 -17.58 -12.54 19.00
N TYR A 179 -17.23 -13.48 18.13
CA TYR A 179 -17.85 -13.62 16.82
C TYR A 179 -18.48 -15.01 16.70
N GLU A 180 -19.71 -15.05 16.19
CA GLU A 180 -20.45 -16.30 16.03
C GLU A 180 -19.57 -17.42 15.47
N TYR A 181 -18.72 -17.06 14.51
CA TYR A 181 -17.81 -18.01 13.90
C TYR A 181 -16.40 -17.63 14.34
N SER A 182 -15.81 -18.45 15.20
CA SER A 182 -14.47 -18.18 15.73
C SER A 182 -13.58 -19.42 15.64
N SER A 183 -12.26 -19.19 15.57
CA SER A 183 -11.32 -20.30 15.47
C SER A 183 -10.62 -20.59 16.80
N THR A 184 -10.93 -19.80 17.82
CA THR A 184 -10.27 -19.99 19.11
C THR A 184 -11.18 -20.49 20.24
N GLN A 185 -10.60 -20.61 21.43
CA GLN A 185 -11.33 -21.09 22.59
C GLN A 185 -12.20 -20.00 23.23
N SER A 186 -13.24 -20.43 23.94
CA SER A 186 -14.19 -19.53 24.59
C SER A 186 -13.58 -18.52 25.59
N THR A 187 -12.32 -18.71 25.96
CA THR A 187 -11.69 -17.79 26.90
C THR A 187 -11.44 -16.42 26.24
N ASN A 188 -11.24 -16.42 24.93
CA ASN A 188 -10.92 -15.21 24.20
C ASN A 188 -12.05 -14.21 23.95
N ILE A 189 -12.59 -13.64 25.02
CA ILE A 189 -13.67 -12.68 24.90
C ILE A 189 -13.18 -11.25 25.15
N GLY A 190 -11.87 -11.12 25.37
CA GLY A 190 -11.26 -9.82 25.60
C GLY A 190 -11.57 -9.11 26.89
N ASP A 191 -11.98 -9.84 27.93
CA ASP A 191 -12.28 -9.16 29.19
C ASP A 191 -11.06 -8.47 29.78
N GLY A 192 -9.88 -9.07 29.62
CA GLY A 192 -8.68 -8.46 30.14
C GLY A 192 -8.50 -7.09 29.51
N MET A 193 -8.82 -7.01 28.22
CA MET A 193 -8.70 -5.78 27.46
C MET A 193 -9.73 -4.75 27.96
N ALA A 194 -10.95 -5.21 28.22
CA ALA A 194 -12.01 -4.34 28.70
C ALA A 194 -11.71 -3.82 30.11
N ILE A 195 -11.24 -4.71 30.97
CA ILE A 195 -10.91 -4.34 32.34
C ILE A 195 -9.85 -3.24 32.35
N ALA A 196 -8.85 -3.39 31.48
CA ALA A 196 -7.79 -2.38 31.41
C ALA A 196 -8.43 -1.06 30.96
N PHE A 197 -9.36 -1.14 30.01
CA PHE A 197 -10.04 0.05 29.50
C PHE A 197 -10.75 0.77 30.63
N LYS A 198 -11.41 0.01 31.50
CA LYS A 198 -12.14 0.58 32.64
C LYS A 198 -11.21 1.24 33.65
N ALA A 199 -9.94 0.87 33.64
CA ALA A 199 -8.96 1.44 34.57
C ALA A 199 -8.23 2.60 33.91
N GLY A 200 -8.76 3.07 32.77
CA GLY A 200 -8.15 4.19 32.09
C GLY A 200 -7.09 3.88 31.05
N THR A 201 -6.96 2.60 30.70
CA THR A 201 -5.97 2.20 29.70
C THR A 201 -6.47 2.54 28.28
N ILE A 202 -5.56 3.01 27.44
CA ILE A 202 -5.89 3.38 26.08
C ILE A 202 -5.85 2.19 25.10
N LEU A 203 -6.91 2.06 24.31
CA LEU A 203 -7.03 1.00 23.32
C LEU A 203 -6.99 1.58 21.91
N ALA A 204 -6.65 0.75 20.93
CA ALA A 204 -6.57 1.18 19.54
C ALA A 204 -6.74 0.03 18.55
N ASP A 205 -6.91 0.39 17.28
CA ASP A 205 -7.07 -0.56 16.19
C ASP A 205 -8.10 -1.67 16.46
N MET A 206 -9.12 -1.36 17.24
CA MET A 206 -10.16 -2.32 17.58
C MET A 206 -10.91 -2.84 16.35
N GLU A 207 -10.95 -2.03 15.29
CA GLU A 207 -11.67 -2.38 14.07
C GLU A 207 -10.95 -3.35 13.13
N PHE A 208 -9.68 -3.64 13.39
CA PHE A 208 -8.92 -4.52 12.53
C PHE A 208 -8.88 -5.97 13.02
N VAL A 209 -10.03 -6.63 12.92
CA VAL A 209 -10.18 -8.02 13.30
C VAL A 209 -9.88 -8.88 12.06
N GLN A 210 -8.95 -9.83 12.21
CA GLN A 210 -8.59 -10.69 11.09
C GLN A 210 -9.41 -11.98 11.07
N PHE A 211 -9.91 -12.31 9.88
CA PHE A 211 -10.71 -13.52 9.69
C PHE A 211 -9.94 -14.53 8.86
N HIS A 212 -10.20 -15.82 9.09
CA HIS A 212 -9.58 -16.88 8.31
C HIS A 212 -10.69 -17.36 7.38
N PRO A 213 -10.38 -17.48 6.09
CA PRO A 213 -11.31 -17.91 5.03
C PRO A 213 -11.84 -19.34 5.03
N THR A 214 -11.02 -20.32 5.42
CA THR A 214 -11.49 -21.70 5.38
C THR A 214 -11.20 -22.49 6.66
N VAL A 215 -12.22 -22.60 7.50
CA VAL A 215 -12.10 -23.31 8.77
C VAL A 215 -13.20 -24.37 8.82
N THR A 216 -12.95 -25.45 9.54
CA THR A 216 -13.96 -26.50 9.68
C THR A 216 -14.07 -26.84 11.17
N SER A 217 -15.08 -27.60 11.55
CA SER A 217 -15.27 -27.95 12.95
C SER A 217 -15.92 -29.32 13.16
N LEU A 218 -15.35 -30.34 12.54
CA LEU A 218 -15.90 -31.68 12.65
C LEU A 218 -15.96 -32.13 14.11
N ASP A 219 -17.11 -32.64 14.53
CA ASP A 219 -17.30 -33.10 15.89
C ASP A 219 -16.92 -32.04 16.92
N GLY A 220 -16.93 -30.78 16.49
CA GLY A 220 -16.59 -29.69 17.40
C GLY A 220 -15.13 -29.31 17.48
N GLU A 221 -14.26 -30.05 16.79
CA GLU A 221 -12.84 -29.73 16.82
C GLU A 221 -12.51 -28.74 15.73
N VAL A 222 -12.16 -27.52 16.11
CA VAL A 222 -11.81 -26.48 15.15
C VAL A 222 -10.49 -26.84 14.46
N PHE A 223 -10.41 -26.56 13.16
CA PHE A 223 -9.21 -26.86 12.41
C PHE A 223 -9.10 -25.92 11.21
N LEU A 224 -8.00 -25.18 11.13
CA LEU A 224 -7.76 -24.27 10.02
C LEU A 224 -7.30 -25.08 8.81
N LEU A 225 -7.96 -24.87 7.68
CA LEU A 225 -7.58 -25.56 6.44
C LEU A 225 -6.68 -24.60 5.67
N THR A 226 -5.41 -24.96 5.53
CA THR A 226 -4.42 -24.13 4.84
C THR A 226 -4.79 -23.78 3.40
N GLU A 227 -4.34 -22.60 2.96
CA GLU A 227 -4.64 -22.14 1.61
C GLU A 227 -3.87 -22.98 0.58
N THR A 228 -2.90 -23.74 1.05
CA THR A 228 -2.10 -24.59 0.17
C THR A 228 -2.97 -25.68 -0.43
N LEU A 229 -4.06 -26.01 0.25
CA LEU A 229 -4.98 -27.04 -0.23
C LEU A 229 -5.57 -26.58 -1.56
N ARG A 230 -5.99 -25.33 -1.62
CA ARG A 230 -6.57 -24.77 -2.83
C ARG A 230 -5.48 -24.67 -3.90
N GLY A 231 -4.25 -24.43 -3.48
CA GLY A 231 -3.15 -24.34 -4.43
C GLY A 231 -2.87 -25.70 -5.06
N GLU A 232 -3.24 -26.77 -4.37
CA GLU A 232 -3.02 -28.12 -4.89
C GLU A 232 -4.26 -28.71 -5.57
N GLY A 233 -5.30 -27.90 -5.72
CA GLY A 233 -6.49 -28.40 -6.40
C GLY A 233 -7.78 -28.49 -5.62
N ALA A 234 -7.80 -27.97 -4.40
CA ALA A 234 -9.01 -28.01 -3.59
C ALA A 234 -10.08 -27.09 -4.19
N GLN A 235 -11.32 -27.55 -4.18
CA GLN A 235 -12.43 -26.76 -4.71
C GLN A 235 -13.37 -26.32 -3.60
N ILE A 236 -14.08 -25.22 -3.82
CA ILE A 236 -15.02 -24.70 -2.84
C ILE A 236 -16.37 -24.48 -3.52
N ILE A 237 -17.42 -25.07 -2.96
CA ILE A 237 -18.76 -24.95 -3.53
C ILE A 237 -19.82 -24.86 -2.44
N ASN A 238 -21.01 -24.42 -2.81
CA ASN A 238 -22.11 -24.34 -1.87
C ASN A 238 -22.79 -25.70 -1.86
N GLU A 239 -23.95 -25.80 -1.22
CA GLU A 239 -24.66 -27.07 -1.14
C GLU A 239 -25.14 -27.57 -2.50
N ASN A 240 -25.13 -26.69 -3.50
CA ASN A 240 -25.57 -27.07 -4.85
C ASN A 240 -24.40 -27.58 -5.69
N GLY A 241 -23.19 -27.41 -5.18
CA GLY A 241 -22.02 -27.88 -5.90
C GLY A 241 -21.43 -26.90 -6.89
N GLU A 242 -21.90 -25.66 -6.89
CA GLU A 242 -21.37 -24.68 -7.83
C GLU A 242 -20.23 -23.87 -7.20
N ARG A 243 -19.19 -23.60 -8.00
CA ARG A 243 -18.05 -22.84 -7.51
C ARG A 243 -18.36 -21.35 -7.61
N PHE A 244 -19.17 -20.88 -6.67
CA PHE A 244 -19.59 -19.48 -6.61
C PHE A 244 -18.45 -18.46 -6.61
N LEU A 245 -17.34 -18.78 -5.97
CA LEU A 245 -16.21 -17.87 -5.89
C LEU A 245 -15.99 -17.10 -7.20
N PHE A 246 -16.03 -17.81 -8.31
CA PHE A 246 -15.82 -17.20 -9.62
C PHE A 246 -16.71 -15.99 -9.89
N ASN A 247 -17.84 -15.92 -9.20
CA ASN A 247 -18.77 -14.81 -9.37
C ASN A 247 -18.35 -13.55 -8.61
N TYR A 248 -17.37 -13.68 -7.72
CA TYR A 248 -16.90 -12.54 -6.94
C TYR A 248 -15.50 -12.13 -7.36
N ASP A 249 -14.67 -13.10 -7.73
CA ASP A 249 -13.30 -12.85 -8.15
C ASP A 249 -12.92 -13.90 -9.19
N LYS A 250 -12.22 -13.48 -10.23
CA LYS A 250 -11.81 -14.39 -11.30
C LYS A 250 -10.69 -15.35 -10.90
N ARG A 251 -10.01 -15.06 -9.79
CA ARG A 251 -8.93 -15.91 -9.33
C ARG A 251 -9.43 -17.18 -8.64
N GLY A 252 -10.75 -17.23 -8.45
CA GLY A 252 -11.37 -18.40 -7.82
C GLY A 252 -10.76 -18.79 -6.48
N GLU A 253 -10.51 -20.08 -6.31
CA GLU A 253 -9.92 -20.60 -5.08
C GLU A 253 -8.54 -20.00 -4.82
N LEU A 254 -7.97 -19.38 -5.84
CA LEU A 254 -6.64 -18.78 -5.71
C LEU A 254 -6.62 -17.29 -5.42
N ALA A 255 -7.73 -16.76 -4.90
CA ALA A 255 -7.81 -15.35 -4.57
C ALA A 255 -7.27 -15.17 -3.14
N PRO A 256 -6.93 -13.92 -2.76
CA PRO A 256 -6.40 -13.65 -1.42
C PRO A 256 -7.34 -14.11 -0.31
N ARG A 257 -6.78 -14.33 0.88
CA ARG A 257 -7.59 -14.79 2.01
C ARG A 257 -8.85 -13.96 2.20
N ASP A 258 -8.69 -12.64 2.33
CA ASP A 258 -9.82 -11.76 2.56
C ASP A 258 -10.89 -11.81 1.46
N ILE A 259 -10.48 -12.10 0.24
CA ILE A 259 -11.42 -12.18 -0.88
C ILE A 259 -12.41 -13.34 -0.70
N LEU A 260 -11.88 -14.52 -0.40
CA LEU A 260 -12.72 -15.69 -0.20
C LEU A 260 -13.61 -15.46 1.01
N SER A 261 -13.01 -14.92 2.07
CA SER A 261 -13.76 -14.64 3.29
C SER A 261 -15.01 -13.84 2.94
N ARG A 262 -14.84 -12.80 2.12
CA ARG A 262 -15.95 -11.96 1.73
C ARG A 262 -16.95 -12.69 0.85
N ALA A 263 -16.45 -13.48 -0.09
CA ALA A 263 -17.34 -14.23 -0.98
C ALA A 263 -18.12 -15.27 -0.18
N ILE A 264 -17.40 -16.03 0.65
CA ILE A 264 -18.02 -17.05 1.48
C ILE A 264 -19.01 -16.40 2.45
N TYR A 265 -18.61 -15.27 3.03
CA TYR A 265 -19.47 -14.55 3.96
C TYR A 265 -20.82 -14.25 3.32
N ILE A 266 -20.80 -13.59 2.16
CA ILE A 266 -22.02 -13.25 1.44
C ILE A 266 -22.86 -14.49 1.14
N GLU A 267 -22.22 -15.52 0.61
CA GLU A 267 -22.91 -16.76 0.27
C GLU A 267 -23.66 -17.32 1.48
N MET A 268 -22.98 -17.43 2.62
CA MET A 268 -23.60 -17.94 3.83
C MET A 268 -24.74 -17.04 4.30
N LEU A 269 -24.56 -15.73 4.14
CA LEU A 269 -25.60 -14.77 4.53
C LEU A 269 -26.90 -15.00 3.76
N LYS A 270 -26.81 -15.69 2.63
CA LYS A 270 -27.99 -15.99 1.82
C LYS A 270 -28.66 -17.23 2.41
N GLY A 271 -27.88 -17.99 3.18
CA GLY A 271 -28.39 -19.20 3.77
C GLY A 271 -27.74 -20.43 3.16
N HIS A 272 -26.79 -20.21 2.27
CA HIS A 272 -26.09 -21.31 1.62
C HIS A 272 -25.05 -21.90 2.57
N LYS A 273 -24.79 -23.19 2.40
CA LYS A 273 -23.78 -23.86 3.21
C LYS A 273 -22.58 -24.06 2.29
N VAL A 274 -21.39 -23.77 2.80
CA VAL A 274 -20.17 -23.91 1.99
C VAL A 274 -19.35 -25.12 2.39
N PHE A 275 -18.68 -25.70 1.40
CA PHE A 275 -17.84 -26.88 1.60
C PHE A 275 -16.56 -26.74 0.78
N ILE A 276 -15.56 -27.56 1.10
CA ILE A 276 -14.32 -27.59 0.36
C ILE A 276 -14.17 -29.04 -0.11
N ASP A 277 -13.76 -29.21 -1.37
CA ASP A 277 -13.60 -30.53 -1.96
C ASP A 277 -12.12 -30.79 -2.24
N LEU A 278 -11.58 -31.82 -1.61
CA LEU A 278 -10.17 -32.17 -1.75
C LEU A 278 -9.92 -33.41 -2.60
N SER A 279 -10.98 -34.01 -3.13
CA SER A 279 -10.88 -35.23 -3.92
C SER A 279 -10.02 -35.14 -5.18
N LYS A 280 -9.80 -33.94 -5.69
CA LYS A 280 -9.00 -33.80 -6.91
C LYS A 280 -7.54 -33.49 -6.67
N ILE A 281 -7.13 -33.46 -5.41
CA ILE A 281 -5.74 -33.20 -5.06
C ILE A 281 -4.95 -34.49 -5.26
N GLU A 282 -3.88 -34.43 -6.04
CA GLU A 282 -3.05 -35.60 -6.28
C GLU A 282 -2.10 -35.79 -5.09
N ASP A 283 -1.88 -37.05 -4.70
CA ASP A 283 -0.98 -37.34 -3.58
C ASP A 283 -1.36 -36.57 -2.32
N PHE A 284 -2.65 -36.47 -2.05
CA PHE A 284 -3.13 -35.74 -0.88
C PHE A 284 -2.47 -36.16 0.44
N GLU A 285 -2.48 -37.46 0.73
CA GLU A 285 -1.90 -37.95 1.97
C GLU A 285 -0.44 -37.59 2.15
N ARG A 286 0.34 -37.58 1.07
CA ARG A 286 1.76 -37.23 1.18
C ARG A 286 1.93 -35.72 1.37
N LYS A 287 1.19 -34.94 0.60
CA LYS A 287 1.28 -33.49 0.67
C LYS A 287 0.68 -32.88 1.94
N PHE A 288 -0.40 -33.47 2.44
CA PHE A 288 -1.07 -32.94 3.63
C PHE A 288 -1.26 -33.98 4.72
N PRO A 289 -0.18 -34.35 5.43
CA PRO A 289 -0.27 -35.36 6.50
C PRO A 289 -1.11 -34.93 7.71
N VAL A 290 -1.02 -33.66 8.08
CA VAL A 290 -1.78 -33.17 9.23
C VAL A 290 -3.27 -33.08 8.94
N VAL A 291 -3.61 -32.62 7.75
CA VAL A 291 -5.01 -32.52 7.35
C VAL A 291 -5.57 -33.94 7.28
N ALA A 292 -4.81 -34.85 6.68
CA ALA A 292 -5.24 -36.24 6.56
C ALA A 292 -5.54 -36.82 7.93
N LYS A 293 -4.69 -36.56 8.92
CA LYS A 293 -4.89 -37.08 10.27
C LYS A 293 -6.16 -36.51 10.92
N TYR A 294 -6.35 -35.20 10.80
CA TYR A 294 -7.52 -34.56 11.36
C TYR A 294 -8.78 -35.23 10.81
N LEU A 295 -8.83 -35.36 9.49
CA LEU A 295 -9.97 -35.97 8.82
C LEU A 295 -10.16 -37.43 9.20
N ALA A 296 -9.06 -38.15 9.36
CA ALA A 296 -9.10 -39.56 9.72
C ALA A 296 -9.73 -39.79 11.09
N ARG A 297 -9.32 -39.04 12.09
CA ARG A 297 -9.87 -39.25 13.43
C ARG A 297 -11.33 -38.88 13.58
N HIS A 298 -11.87 -38.13 12.61
CA HIS A 298 -13.27 -37.75 12.65
C HIS A 298 -14.05 -38.66 11.71
N GLY A 299 -13.37 -39.67 11.19
CA GLY A 299 -14.01 -40.61 10.28
C GLY A 299 -14.57 -39.94 9.05
N HIS A 300 -13.90 -38.89 8.59
CA HIS A 300 -14.34 -38.16 7.41
C HIS A 300 -13.41 -38.49 6.24
N ASN A 301 -13.95 -39.17 5.23
CA ASN A 301 -13.17 -39.54 4.05
C ASN A 301 -12.75 -38.26 3.33
N TYR A 302 -11.45 -38.05 3.16
CA TYR A 302 -10.97 -36.85 2.50
C TYR A 302 -11.40 -36.73 1.04
N LYS A 303 -12.13 -37.72 0.55
CA LYS A 303 -12.63 -37.69 -0.83
C LYS A 303 -14.04 -37.11 -0.85
N VAL A 304 -14.59 -36.87 0.33
CA VAL A 304 -15.93 -36.31 0.47
C VAL A 304 -15.88 -34.84 0.89
N LYS A 305 -16.82 -34.03 0.38
CA LYS A 305 -16.83 -32.61 0.70
C LYS A 305 -16.87 -32.34 2.20
N ILE A 306 -16.16 -31.29 2.61
CA ILE A 306 -16.07 -30.92 4.02
C ILE A 306 -16.75 -29.58 4.32
N PRO A 307 -17.59 -29.54 5.37
CA PRO A 307 -18.26 -28.27 5.70
C PRO A 307 -17.24 -27.28 6.26
N ILE A 308 -17.17 -26.10 5.64
CA ILE A 308 -16.23 -25.09 6.11
C ILE A 308 -16.96 -23.80 6.44
N PHE A 309 -16.19 -22.82 6.91
CA PHE A 309 -16.75 -21.53 7.26
C PHE A 309 -15.64 -20.55 7.61
N PRO A 310 -15.85 -19.26 7.31
CA PRO A 310 -14.82 -18.27 7.63
C PRO A 310 -14.98 -18.02 9.12
N ALA A 311 -13.97 -17.44 9.78
CA ALA A 311 -14.08 -17.22 11.20
C ALA A 311 -13.14 -16.16 11.76
N ALA A 312 -13.60 -15.47 12.80
CA ALA A 312 -12.79 -14.45 13.46
C ALA A 312 -11.58 -15.24 13.91
N HIS A 313 -10.40 -14.73 13.63
CA HIS A 313 -9.16 -15.45 13.93
C HIS A 313 -8.15 -14.73 14.82
N PHE A 314 -7.88 -13.47 14.51
CA PHE A 314 -6.89 -12.71 15.28
C PHE A 314 -7.25 -11.22 15.27
N VAL A 315 -7.10 -10.57 16.43
CA VAL A 315 -7.40 -9.14 16.50
C VAL A 315 -6.07 -8.39 16.52
N ASP A 316 -5.92 -7.45 15.60
CA ASP A 316 -4.70 -6.66 15.49
C ASP A 316 -4.52 -5.66 16.63
N GLY A 317 -5.63 -5.12 17.11
CA GLY A 317 -5.58 -4.12 18.16
C GLY A 317 -5.65 -4.57 19.60
N GLY A 318 -5.97 -3.61 20.46
CA GLY A 318 -6.06 -3.85 21.88
C GLY A 318 -5.35 -2.75 22.64
N ILE A 319 -4.67 -3.13 23.72
CA ILE A 319 -3.94 -2.18 24.56
C ILE A 319 -2.72 -1.63 23.85
N ARG A 320 -2.76 -0.35 23.50
CA ARG A 320 -1.62 0.27 22.82
C ARG A 320 -0.40 0.20 23.73
N VAL A 321 0.74 -0.17 23.17
CA VAL A 321 1.97 -0.23 23.94
C VAL A 321 3.15 0.14 23.05
N ASN A 322 4.28 0.46 23.69
CA ASN A 322 5.48 0.78 22.94
C ASN A 322 6.19 -0.56 22.76
N ILE A 323 7.42 -0.53 22.26
CA ILE A 323 8.17 -1.75 22.01
C ILE A 323 8.49 -2.57 23.26
N ARG A 324 8.35 -1.96 24.44
CA ARG A 324 8.64 -2.67 25.69
C ARG A 324 7.40 -3.42 26.17
N GLY A 325 6.24 -2.96 25.73
CA GLY A 325 4.99 -3.57 26.15
C GLY A 325 4.35 -2.70 27.21
N GLU A 326 4.83 -1.46 27.34
CA GLU A 326 4.27 -0.56 28.33
C GLU A 326 3.03 0.13 27.76
N SER A 327 1.95 0.14 28.53
CA SER A 327 0.73 0.82 28.10
C SER A 327 0.86 2.22 28.64
N ASN A 328 -0.19 3.03 28.54
CA ASN A 328 -0.14 4.39 29.06
C ASN A 328 -0.19 4.41 30.58
N ILE A 329 -0.66 3.32 31.19
CA ILE A 329 -0.76 3.24 32.64
C ILE A 329 0.55 2.73 33.23
N VAL A 330 1.18 3.55 34.08
CA VAL A 330 2.45 3.18 34.68
C VAL A 330 2.37 1.83 35.39
N ASN A 331 3.32 0.96 35.05
CA ASN A 331 3.42 -0.39 35.62
C ASN A 331 2.42 -1.40 35.11
N LEU A 332 1.65 -1.02 34.10
CA LEU A 332 0.70 -1.96 33.49
C LEU A 332 1.22 -2.28 32.09
N TYR A 333 1.67 -3.51 31.90
CA TYR A 333 2.17 -3.97 30.61
C TYR A 333 1.09 -4.76 29.89
N ALA A 334 1.19 -4.81 28.56
CA ALA A 334 0.26 -5.58 27.73
C ALA A 334 1.14 -6.27 26.69
N ILE A 335 1.10 -7.60 26.65
CA ILE A 335 1.91 -8.34 25.70
C ILE A 335 1.10 -9.45 25.05
N GLY A 336 1.46 -9.82 23.83
CA GLY A 336 0.72 -10.84 23.13
C GLY A 336 -0.44 -10.25 22.36
N GLU A 337 -1.50 -11.02 22.17
CA GLU A 337 -2.65 -10.56 21.42
C GLU A 337 -3.51 -9.49 22.12
N VAL A 338 -3.41 -9.37 23.44
CA VAL A 338 -4.20 -8.37 24.14
C VAL A 338 -3.65 -6.96 23.90
N SER A 339 -2.39 -6.88 23.46
CA SER A 339 -1.76 -5.59 23.20
C SER A 339 -1.83 -5.17 21.73
N ASP A 340 -1.53 -3.90 21.48
CA ASP A 340 -1.48 -3.35 20.13
C ASP A 340 -0.16 -2.62 20.04
N SER A 341 0.88 -3.35 19.64
CA SER A 341 2.21 -2.79 19.51
C SER A 341 2.33 -2.10 18.15
N GLY A 342 1.32 -2.29 17.32
CA GLY A 342 1.33 -1.70 15.99
C GLY A 342 2.12 -2.56 15.02
N LEU A 343 2.51 -3.74 15.46
CA LEU A 343 3.27 -4.67 14.61
C LEU A 343 2.45 -5.16 13.44
N HIS A 344 1.16 -5.33 13.67
CA HIS A 344 0.27 -5.88 12.65
C HIS A 344 -0.49 -4.88 11.75
N GLY A 345 -0.57 -3.63 12.17
CA GLY A 345 -1.27 -2.64 11.37
C GLY A 345 -2.68 -3.07 11.01
N ALA A 346 -3.02 -2.97 9.72
CA ALA A 346 -4.35 -3.35 9.26
C ALA A 346 -4.50 -4.83 8.90
N ASN A 347 -3.43 -5.60 9.07
CA ASN A 347 -3.50 -7.04 8.78
C ASN A 347 -2.25 -7.80 9.24
N ARG A 348 -2.45 -8.71 10.19
CA ARG A 348 -1.37 -9.53 10.73
C ARG A 348 -0.78 -10.43 9.66
N LEU A 349 0.55 -10.60 9.71
CA LEU A 349 1.24 -11.48 8.78
C LEU A 349 1.32 -12.81 9.51
N ALA A 350 0.89 -13.88 8.86
CA ALA A 350 0.90 -15.21 9.46
C ALA A 350 2.24 -15.50 10.14
N SER A 351 2.19 -16.14 11.31
CA SER A 351 3.37 -16.51 12.09
C SER A 351 4.02 -15.37 12.87
N ASN A 352 3.54 -14.15 12.69
CA ASN A 352 4.11 -13.01 13.42
C ASN A 352 3.49 -12.85 14.81
N SER A 353 2.40 -13.54 15.06
CA SER A 353 1.73 -13.44 16.34
C SER A 353 2.38 -14.25 17.46
N LEU A 354 2.76 -15.49 17.20
CA LEU A 354 3.45 -16.27 18.24
C LEU A 354 4.81 -15.62 18.46
N LEU A 355 5.39 -15.07 17.39
CA LEU A 355 6.68 -14.38 17.48
C LEU A 355 6.54 -13.15 18.37
N GLU A 356 5.48 -12.37 18.14
CA GLU A 356 5.24 -11.17 18.91
C GLU A 356 5.16 -11.51 20.41
N GLY A 357 4.33 -12.50 20.74
CA GLY A 357 4.19 -12.89 22.13
C GLY A 357 5.51 -13.29 22.76
N LEU A 358 6.29 -14.09 22.03
CA LEU A 358 7.58 -14.57 22.53
C LEU A 358 8.60 -13.45 22.71
N VAL A 359 8.61 -12.49 21.79
CA VAL A 359 9.56 -11.37 21.87
C VAL A 359 9.27 -10.47 23.07
N PHE A 360 8.03 -9.98 23.17
CA PHE A 360 7.67 -9.10 24.26
C PHE A 360 7.80 -9.79 25.62
N GLY A 361 7.50 -11.08 25.66
CA GLY A 361 7.61 -11.82 26.90
C GLY A 361 9.06 -12.09 27.30
N ILE A 362 9.85 -12.66 26.40
CA ILE A 362 11.24 -12.96 26.71
C ILE A 362 12.08 -11.69 26.90
N ASN A 363 11.75 -10.63 26.18
CA ASN A 363 12.49 -9.38 26.30
C ASN A 363 12.05 -8.47 27.45
N LEU A 364 10.92 -8.78 28.06
CA LEU A 364 10.39 -7.95 29.15
C LEU A 364 11.37 -7.58 30.27
N PRO A 365 12.24 -8.52 30.69
CA PRO A 365 13.19 -8.21 31.76
C PRO A 365 14.13 -7.07 31.41
N ARG A 366 14.33 -6.84 30.11
CA ARG A 366 15.21 -5.80 29.62
C ARG A 366 14.72 -4.40 30.00
N TYR A 367 13.42 -4.27 30.28
CA TYR A 367 12.85 -2.96 30.58
C TYR A 367 12.23 -2.77 31.97
N VAL A 368 11.96 -3.86 32.67
CA VAL A 368 11.30 -3.77 33.98
C VAL A 368 12.02 -2.95 35.04
N ASP A 369 13.32 -2.72 34.87
CA ASP A 369 14.09 -1.95 35.84
C ASP A 369 14.40 -0.53 35.38
N SER A 370 13.72 -0.08 34.33
CA SER A 370 13.95 1.27 33.81
C SER A 370 12.75 2.18 34.11
N SER A 371 12.93 3.48 33.92
CA SER A 371 11.84 4.42 34.17
C SER A 371 10.82 4.20 33.06
N TRP A 372 9.54 4.38 33.38
CA TRP A 372 8.47 4.18 32.42
C TRP A 372 8.47 5.20 31.29
N GLU A 373 8.29 4.73 30.06
CA GLU A 373 8.25 5.62 28.89
C GLU A 373 6.80 5.86 28.49
N GLY A 374 6.03 4.78 28.37
CA GLY A 374 4.64 4.94 27.99
C GLY A 374 4.44 5.02 26.49
N ILE A 375 3.30 5.57 26.07
CA ILE A 375 2.95 5.67 24.66
C ILE A 375 2.67 7.08 24.17
N SER A 376 2.62 7.21 22.86
CA SER A 376 2.33 8.46 22.20
C SER A 376 1.09 8.21 21.34
N THR A 377 0.17 9.16 21.30
CA THR A 377 -1.02 8.99 20.47
C THR A 377 -0.94 9.89 19.23
N ASP A 378 0.23 10.49 19.00
CA ASP A 378 0.44 11.38 17.86
C ASP A 378 0.24 10.68 16.52
N ASP A 379 0.16 9.35 16.53
CA ASP A 379 -0.03 8.60 15.30
C ASP A 379 -1.51 8.28 15.06
N GLY A 380 -2.39 8.97 15.78
CA GLY A 380 -3.81 8.72 15.62
C GLY A 380 -4.71 9.78 16.25
N ILE A 381 -6.00 9.46 16.37
CA ILE A 381 -6.98 10.36 16.95
C ILE A 381 -7.63 9.73 18.17
N VAL A 382 -7.59 10.44 19.30
CA VAL A 382 -8.15 9.92 20.54
C VAL A 382 -9.62 10.25 20.71
N HIS A 383 -10.42 9.21 20.96
CA HIS A 383 -11.85 9.38 21.15
C HIS A 383 -12.23 9.00 22.58
N SER A 384 -12.78 9.95 23.33
CA SER A 384 -13.17 9.69 24.71
C SER A 384 -14.60 9.18 24.72
N VAL A 385 -14.82 8.06 25.39
CA VAL A 385 -16.17 7.49 25.46
C VAL A 385 -16.58 7.18 26.89
N ARG A 386 -17.86 7.42 27.18
CA ARG A 386 -18.37 7.14 28.51
C ARG A 386 -19.29 5.94 28.47
N ILE A 387 -19.01 4.96 29.31
CA ILE A 387 -19.78 3.73 29.39
C ILE A 387 -20.74 3.83 30.56
N SER A 388 -22.04 3.77 30.26
CA SER A 388 -23.06 3.87 31.28
C SER A 388 -24.37 3.23 30.82
N GLY A 389 -24.96 2.43 31.69
CA GLY A 389 -26.21 1.77 31.36
C GLY A 389 -26.33 0.45 32.10
N ASN A 390 -27.40 -0.29 31.85
CA ASN A 390 -27.57 -1.57 32.53
C ASN A 390 -28.09 -2.63 31.56
N LYS A 391 -28.06 -2.31 30.28
CA LYS A 391 -28.52 -3.26 29.27
C LYS A 391 -27.55 -4.45 29.29
N THR A 392 -28.11 -5.65 29.27
CA THR A 392 -27.30 -6.86 29.30
C THR A 392 -27.66 -7.77 28.13
N LEU A 393 -26.64 -8.25 27.42
CA LEU A 393 -26.84 -9.13 26.28
C LEU A 393 -26.16 -10.46 26.54
N SER A 394 -26.72 -11.53 25.98
CA SER A 394 -26.14 -12.84 26.15
C SER A 394 -24.92 -12.92 25.24
N LEU A 395 -23.98 -13.79 25.57
CA LEU A 395 -22.78 -13.96 24.76
C LEU A 395 -23.15 -14.42 23.36
N LYS A 396 -24.17 -15.27 23.28
CA LYS A 396 -24.60 -15.78 21.99
C LYS A 396 -25.15 -14.68 21.10
N GLU A 397 -25.87 -13.73 21.70
CA GLU A 397 -26.44 -12.63 20.93
C GLU A 397 -25.34 -11.71 20.44
N ILE A 398 -24.40 -11.38 21.31
CA ILE A 398 -23.29 -10.52 20.95
C ILE A 398 -22.53 -11.09 19.77
N ARG A 399 -22.23 -12.39 19.84
CA ARG A 399 -21.48 -13.06 18.79
C ARG A 399 -22.16 -13.05 17.44
N ARG A 400 -23.50 -13.08 17.44
CA ARG A 400 -24.27 -13.07 16.21
C ARG A 400 -24.29 -11.65 15.65
N ILE A 401 -24.46 -10.68 16.54
CA ILE A 401 -24.50 -9.27 16.15
C ILE A 401 -23.18 -8.83 15.52
N ASN A 402 -22.07 -9.25 16.12
CA ASN A 402 -20.75 -8.89 15.59
C ASN A 402 -20.50 -9.54 14.24
N TRP A 403 -20.94 -10.79 14.10
CA TRP A 403 -20.75 -11.52 12.86
C TRP A 403 -21.54 -10.89 11.70
N GLU A 404 -22.76 -10.45 12.00
CA GLU A 404 -23.61 -9.87 10.98
C GLU A 404 -23.41 -8.38 10.75
N ASN A 405 -23.26 -7.62 11.83
CA ASN A 405 -23.11 -6.18 11.73
C ASN A 405 -21.72 -5.59 11.92
N VAL A 406 -20.75 -6.40 12.30
CA VAL A 406 -19.37 -5.92 12.48
C VAL A 406 -18.46 -7.02 11.96
N GLY A 407 -18.84 -7.59 10.82
CA GLY A 407 -18.08 -8.69 10.25
C GLY A 407 -17.16 -8.44 9.07
N ILE A 408 -17.01 -9.48 8.26
CA ILE A 408 -16.14 -9.47 7.08
C ILE A 408 -16.46 -8.34 6.13
N ILE A 409 -17.75 -8.07 5.91
CA ILE A 409 -18.17 -6.98 5.04
C ILE A 409 -19.00 -6.05 5.91
N ARG A 410 -18.66 -4.77 5.92
CA ARG A 410 -19.39 -3.78 6.73
C ARG A 410 -19.96 -2.61 5.92
N ASN A 411 -20.83 -1.83 6.58
CA ASN A 411 -21.43 -0.64 6.01
C ASN A 411 -22.03 0.15 7.18
N GLU A 412 -22.33 1.43 6.94
CA GLU A 412 -22.85 2.30 8.00
C GLU A 412 -24.10 1.79 8.72
N GLU A 413 -25.11 1.39 7.95
CA GLU A 413 -26.36 0.93 8.55
C GLU A 413 -26.14 -0.19 9.55
N LYS A 414 -25.43 -1.24 9.14
CA LYS A 414 -25.17 -2.36 10.04
C LYS A 414 -24.32 -1.94 11.24
N LEU A 415 -23.27 -1.16 11.00
CA LEU A 415 -22.41 -0.70 12.09
C LEU A 415 -23.20 0.12 13.11
N VAL A 416 -24.10 0.96 12.61
CA VAL A 416 -24.91 1.79 13.50
C VAL A 416 -25.80 0.90 14.35
N LYS A 417 -26.29 -0.19 13.76
CA LYS A 417 -27.15 -1.11 14.51
C LYS A 417 -26.32 -1.69 15.66
N ALA A 418 -25.11 -2.14 15.35
CA ALA A 418 -24.23 -2.71 16.36
C ALA A 418 -23.93 -1.66 17.43
N ILE A 419 -23.62 -0.45 16.99
CA ILE A 419 -23.32 0.65 17.90
C ILE A 419 -24.49 0.87 18.87
N ASN A 420 -25.69 1.04 18.33
CA ASN A 420 -26.87 1.26 19.17
C ASN A 420 -27.21 0.10 20.10
N THR A 421 -26.90 -1.12 19.69
CA THR A 421 -27.19 -2.30 20.50
C THR A 421 -26.31 -2.35 21.74
N TYR A 422 -25.03 -2.00 21.58
CA TYR A 422 -24.08 -2.04 22.68
C TYR A 422 -23.97 -0.76 23.50
N SER A 423 -24.46 0.34 22.94
CA SER A 423 -24.39 1.65 23.59
C SER A 423 -24.78 1.73 25.07
N SER A 424 -25.85 1.03 25.45
CA SER A 424 -26.30 1.09 26.85
C SER A 424 -25.89 -0.10 27.69
N SER A 425 -24.67 -0.60 27.49
CA SER A 425 -24.19 -1.75 28.25
C SER A 425 -22.81 -1.53 28.85
N THR A 426 -22.59 -2.09 30.04
CA THR A 426 -21.30 -1.96 30.71
C THR A 426 -20.62 -3.32 30.81
N GLN A 427 -21.21 -4.32 30.16
CA GLN A 427 -20.64 -5.66 30.17
C GLN A 427 -19.33 -5.60 29.38
N ASN A 428 -18.33 -6.32 29.85
CA ASN A 428 -17.03 -6.34 29.17
C ASN A 428 -17.15 -6.73 27.69
N GLU A 429 -17.91 -7.79 27.42
CA GLU A 429 -18.07 -8.24 26.04
C GLU A 429 -18.78 -7.18 25.21
N ALA A 430 -19.70 -6.44 25.83
CA ALA A 430 -20.43 -5.39 25.14
C ALA A 430 -19.52 -4.20 24.86
N ILE A 431 -18.69 -3.83 25.82
CA ILE A 431 -17.79 -2.70 25.64
C ILE A 431 -16.81 -2.96 24.50
N ILE A 432 -16.16 -4.11 24.51
CA ILE A 432 -15.22 -4.44 23.44
C ILE A 432 -15.91 -4.39 22.08
N SER A 433 -17.09 -4.99 21.99
CA SER A 433 -17.87 -5.00 20.75
C SER A 433 -18.27 -3.58 20.34
N TYR A 434 -18.53 -2.74 21.34
CA TYR A 434 -18.94 -1.35 21.09
C TYR A 434 -17.82 -0.53 20.45
N LEU A 435 -16.63 -0.63 21.00
CA LEU A 435 -15.48 0.10 20.50
C LEU A 435 -15.09 -0.35 19.08
N THR A 436 -15.20 -1.65 18.83
CA THR A 436 -14.88 -2.19 17.52
C THR A 436 -15.83 -1.61 16.46
N ALA A 437 -17.12 -1.62 16.77
CA ALA A 437 -18.12 -1.11 15.87
C ALA A 437 -17.96 0.40 15.69
N LEU A 438 -17.74 1.11 16.79
CA LEU A 438 -17.58 2.55 16.74
C LEU A 438 -16.40 2.94 15.84
N ALA A 439 -15.28 2.24 16.01
CA ALA A 439 -14.09 2.52 15.22
C ALA A 439 -14.32 2.19 13.75
N ALA A 440 -14.98 1.06 13.50
CA ALA A 440 -15.27 0.63 12.13
C ALA A 440 -16.17 1.65 11.40
N GLU A 441 -17.00 2.35 12.15
CA GLU A 441 -17.92 3.35 11.59
C GLU A 441 -17.17 4.65 11.29
N ILE A 442 -16.25 4.99 12.20
CA ILE A 442 -15.43 6.19 12.07
C ILE A 442 -14.48 6.08 10.88
N ARG A 443 -13.87 4.91 10.72
CA ARG A 443 -12.93 4.67 9.62
C ARG A 443 -13.71 4.48 8.32
N LYS A 444 -13.97 5.60 7.65
CA LYS A 444 -14.73 5.57 6.39
C LYS A 444 -13.84 5.25 5.20
N GLU A 445 -13.39 4.01 5.16
CA GLU A 445 -12.54 3.50 4.09
C GLU A 445 -12.41 2.00 4.29
N SER A 446 -11.68 1.35 3.40
CA SER A 446 -11.42 -0.08 3.50
C SER A 446 -9.91 -0.20 3.52
N ARG A 447 -9.38 -0.93 4.51
CA ARG A 447 -7.94 -1.12 4.65
C ARG A 447 -7.69 -2.42 5.42
N GLY A 448 -6.77 -3.24 4.91
CA GLY A 448 -6.48 -4.50 5.57
C GLY A 448 -7.74 -5.33 5.76
N ASN A 449 -7.88 -5.96 6.92
CA ASN A 449 -9.05 -6.79 7.18
C ASN A 449 -10.32 -5.98 7.40
N HIS A 450 -10.21 -4.66 7.31
CA HIS A 450 -11.37 -3.78 7.49
C HIS A 450 -11.92 -3.42 6.12
N PHE A 451 -13.06 -3.99 5.77
CA PHE A 451 -13.69 -3.74 4.47
C PHE A 451 -15.10 -3.19 4.57
N ARG A 452 -15.33 -2.06 3.91
CA ARG A 452 -16.66 -1.45 3.90
C ARG A 452 -17.14 -1.30 2.47
N GLU A 453 -18.25 -1.94 2.16
CA GLU A 453 -18.82 -1.89 0.82
C GLU A 453 -19.26 -0.46 0.49
N ASP A 454 -19.56 0.34 1.52
CA ASP A 454 -19.97 1.71 1.28
C ASP A 454 -18.78 2.67 1.15
N TYR A 455 -17.59 2.17 1.49
CA TYR A 455 -16.33 2.93 1.38
C TYR A 455 -15.30 1.86 1.03
N PRO A 456 -15.40 1.30 -0.19
CA PRO A 456 -14.52 0.25 -0.74
C PRO A 456 -13.07 0.58 -1.03
N TYR A 457 -12.70 1.86 -0.93
CA TYR A 457 -11.32 2.24 -1.22
C TYR A 457 -10.59 2.76 0.01
N LYS A 458 -9.25 2.76 -0.07
CA LYS A 458 -8.41 3.23 1.01
C LYS A 458 -8.29 4.74 0.95
N ASP A 459 -8.51 5.39 2.09
CA ASP A 459 -8.42 6.84 2.19
C ASP A 459 -7.04 7.22 2.71
N PRO A 460 -6.23 7.93 1.91
CA PRO A 460 -4.90 8.29 2.40
C PRO A 460 -4.97 9.14 3.67
N ASN A 461 -6.10 9.79 3.90
CA ASN A 461 -6.26 10.63 5.09
C ASN A 461 -6.47 9.79 6.34
N TRP A 462 -6.67 8.49 6.16
CA TRP A 462 -6.89 7.61 7.30
C TRP A 462 -5.67 6.79 7.70
N GLU A 463 -4.49 7.24 7.29
CA GLU A 463 -3.28 6.52 7.66
C GLU A 463 -2.93 6.96 9.07
N LYS A 464 -3.83 6.66 9.99
CA LYS A 464 -3.67 7.01 11.39
C LYS A 464 -4.56 6.06 12.20
N ARG A 465 -4.27 5.94 13.49
CA ARG A 465 -5.04 5.06 14.35
C ARG A 465 -6.24 5.74 14.98
N ILE A 466 -7.14 4.91 15.51
CA ILE A 466 -8.32 5.37 16.21
C ILE A 466 -8.15 4.87 17.63
N TYR A 467 -7.84 5.80 18.54
CA TYR A 467 -7.63 5.49 19.94
C TYR A 467 -8.88 5.73 20.76
N PHE A 468 -9.06 4.92 21.80
CA PHE A 468 -10.21 5.04 22.68
C PHE A 468 -9.73 5.22 24.12
N LYS A 469 -10.40 6.11 24.84
CA LYS A 469 -10.09 6.41 26.22
C LYS A 469 -11.40 6.61 26.96
N LEU A 470 -11.51 6.00 28.14
CA LEU A 470 -12.73 6.10 28.94
C LEU A 470 -12.76 7.33 29.83
N VAL A 471 -13.91 7.99 29.87
CA VAL A 471 -14.12 9.17 30.69
C VAL A 471 -15.47 9.03 31.38
N VAL A 472 -15.68 9.79 32.45
CA VAL A 472 -16.94 9.73 33.19
C VAL A 472 -18.02 10.53 32.46
N MET B 1 31.26 14.12 -29.83
CA MET B 1 30.15 15.07 -29.59
C MET B 1 28.99 14.39 -28.88
N ILE B 2 28.44 15.06 -27.87
CA ILE B 2 27.30 14.53 -27.15
C ILE B 2 26.05 15.18 -27.73
N TYR B 3 25.09 14.34 -28.11
CA TYR B 3 23.84 14.82 -28.67
C TYR B 3 22.70 14.61 -27.70
N ILE B 4 21.87 15.64 -27.53
CA ILE B 4 20.72 15.57 -26.65
C ILE B 4 19.47 15.81 -27.50
N ILE B 5 18.52 14.90 -27.39
CA ILE B 5 17.27 14.96 -28.14
C ILE B 5 16.12 15.41 -27.23
N GLY B 6 15.66 16.64 -27.43
CA GLY B 6 14.58 17.17 -26.62
C GLY B 6 15.02 18.44 -25.92
N SER B 7 14.18 19.46 -25.98
CA SER B 7 14.49 20.75 -25.36
C SER B 7 13.57 21.11 -24.19
N GLY B 8 13.27 20.10 -23.36
CA GLY B 8 12.43 20.34 -22.21
C GLY B 8 13.34 20.57 -21.02
N ILE B 9 12.81 20.49 -19.80
CA ILE B 9 13.65 20.72 -18.62
C ILE B 9 14.79 19.71 -18.53
N ALA B 10 14.53 18.46 -18.88
CA ALA B 10 15.57 17.43 -18.83
C ALA B 10 16.65 17.67 -19.87
N GLY B 11 16.24 17.77 -21.13
CA GLY B 11 17.20 17.99 -22.20
C GLY B 11 18.07 19.21 -22.02
N LEU B 12 17.46 20.36 -21.72
CA LEU B 12 18.21 21.60 -21.54
C LEU B 12 19.14 21.58 -20.34
N SER B 13 18.67 21.08 -19.20
CA SER B 13 19.50 21.02 -18.01
C SER B 13 20.69 20.09 -18.25
N ALA B 14 20.44 18.96 -18.91
CA ALA B 14 21.53 18.03 -19.21
C ALA B 14 22.54 18.76 -20.09
N GLY B 15 22.04 19.45 -21.11
CA GLY B 15 22.91 20.18 -22.01
C GLY B 15 23.79 21.19 -21.30
N VAL B 16 23.17 22.11 -20.58
CA VAL B 16 23.92 23.12 -19.86
C VAL B 16 24.96 22.48 -18.92
N ALA B 17 24.52 21.50 -18.15
CA ALA B 17 25.39 20.81 -17.21
C ALA B 17 26.59 20.15 -17.89
N LEU B 18 26.35 19.44 -18.98
CA LEU B 18 27.44 18.78 -19.70
C LEU B 18 28.35 19.83 -20.33
N ARG B 19 27.77 20.87 -20.89
CA ARG B 19 28.54 21.94 -21.50
C ARG B 19 29.42 22.60 -20.44
N ARG B 20 28.83 22.88 -19.28
CA ARG B 20 29.59 23.49 -18.20
C ARG B 20 30.64 22.52 -17.69
N ALA B 21 30.44 21.23 -17.95
CA ALA B 21 31.37 20.20 -17.53
C ALA B 21 32.47 19.95 -18.57
N GLY B 22 32.56 20.84 -19.57
CA GLY B 22 33.59 20.71 -20.58
C GLY B 22 33.31 19.89 -21.82
N LYS B 23 32.13 19.25 -21.89
CA LYS B 23 31.77 18.42 -23.03
C LYS B 23 31.19 19.24 -24.18
N LYS B 24 31.50 18.84 -25.41
CA LYS B 24 30.93 19.53 -26.56
C LYS B 24 29.54 18.91 -26.65
N VAL B 25 28.53 19.77 -26.78
CA VAL B 25 27.16 19.30 -26.82
C VAL B 25 26.34 19.96 -27.91
N THR B 26 25.41 19.19 -28.47
CA THR B 26 24.50 19.67 -29.50
C THR B 26 23.11 19.21 -29.10
N LEU B 27 22.16 20.13 -29.10
CA LEU B 27 20.80 19.78 -28.72
C LEU B 27 19.88 19.80 -29.95
N ILE B 28 19.10 18.75 -30.09
CA ILE B 28 18.18 18.62 -31.22
C ILE B 28 16.78 18.36 -30.73
N SER B 29 15.82 19.14 -31.21
CA SER B 29 14.43 18.97 -30.81
C SER B 29 13.49 19.29 -31.97
N LYS B 30 12.45 18.47 -32.15
CA LYS B 30 11.52 18.67 -33.25
C LYS B 30 10.69 19.94 -33.12
N ARG B 31 10.63 20.47 -31.90
CA ARG B 31 9.93 21.71 -31.61
C ARG B 31 10.55 22.25 -30.33
N ILE B 32 11.35 23.29 -30.46
CA ILE B 32 12.04 23.87 -29.31
C ILE B 32 11.12 24.14 -28.12
N ASP B 33 9.95 24.73 -28.37
CA ASP B 33 9.03 25.03 -27.29
C ASP B 33 7.92 24.01 -27.11
N GLY B 34 8.08 22.81 -27.66
CA GLY B 34 7.07 21.79 -27.50
C GLY B 34 7.21 21.09 -26.15
N GLY B 35 6.57 19.94 -25.99
CA GLY B 35 6.68 19.20 -24.74
C GLY B 35 5.79 19.71 -23.62
N SER B 36 5.93 19.12 -22.44
CA SER B 36 5.11 19.51 -21.29
C SER B 36 5.77 20.55 -20.39
N THR B 37 7.10 20.68 -20.49
CA THR B 37 7.82 21.62 -19.64
C THR B 37 7.33 23.07 -19.75
N PRO B 38 7.29 23.62 -20.98
CA PRO B 38 6.86 25.01 -21.20
C PRO B 38 5.47 25.38 -20.69
N ILE B 39 4.59 24.40 -20.56
CA ILE B 39 3.22 24.68 -20.11
C ILE B 39 2.93 24.31 -18.66
N ALA B 40 3.91 23.76 -17.96
CA ALA B 40 3.73 23.36 -16.57
C ALA B 40 3.51 24.61 -15.71
N LYS B 41 2.35 24.68 -15.05
CA LYS B 41 2.01 25.84 -14.21
C LYS B 41 2.05 25.56 -12.70
N GLY B 42 2.66 24.45 -12.30
CA GLY B 42 2.74 24.14 -10.89
C GLY B 42 4.15 24.43 -10.38
N GLY B 43 4.74 23.48 -9.66
CA GLY B 43 6.07 23.72 -9.15
C GLY B 43 6.99 22.51 -9.11
N VAL B 44 8.12 22.68 -8.43
CA VAL B 44 9.13 21.63 -8.30
C VAL B 44 9.30 21.20 -6.85
N ALA B 45 9.16 19.91 -6.60
CA ALA B 45 9.27 19.37 -5.24
C ALA B 45 10.71 19.29 -4.72
N ALA B 46 10.87 19.56 -3.44
CA ALA B 46 12.18 19.51 -2.76
C ALA B 46 11.92 19.77 -1.29
N SER B 47 12.32 18.83 -0.44
CA SER B 47 12.10 18.94 1.01
C SER B 47 13.06 19.90 1.70
N VAL B 48 13.03 21.17 1.28
CA VAL B 48 13.91 22.17 1.87
C VAL B 48 13.25 22.94 3.01
N GLY B 49 12.00 22.60 3.31
CA GLY B 49 11.31 23.27 4.40
C GLY B 49 11.81 22.80 5.76
N SER B 50 11.75 23.67 6.76
CA SER B 50 12.23 23.32 8.11
C SER B 50 11.53 22.12 8.76
N ASP B 51 10.33 21.78 8.29
CA ASP B 51 9.57 20.67 8.86
C ASP B 51 9.57 19.44 7.94
N ASP B 52 10.41 19.47 6.91
CA ASP B 52 10.46 18.40 5.94
C ASP B 52 11.82 17.69 5.91
N SER B 53 11.92 16.63 5.10
CA SER B 53 13.15 15.87 4.96
C SER B 53 13.06 14.94 3.76
N PRO B 54 14.21 14.54 3.21
CA PRO B 54 14.23 13.64 2.06
C PRO B 54 13.44 12.36 2.38
N GLU B 55 13.59 11.85 3.60
CA GLU B 55 12.92 10.64 4.03
C GLU B 55 11.39 10.77 3.97
N LEU B 56 10.88 11.90 4.43
CA LEU B 56 9.43 12.15 4.42
C LEU B 56 8.97 12.28 2.97
N HIS B 57 9.76 12.98 2.17
CA HIS B 57 9.46 13.19 0.77
C HIS B 57 9.43 11.81 0.10
N ALA B 58 10.35 10.94 0.50
CA ALA B 58 10.42 9.59 -0.04
C ALA B 58 9.17 8.80 0.37
N GLN B 59 8.79 8.93 1.64
CA GLN B 59 7.62 8.23 2.16
C GLN B 59 6.39 8.55 1.29
N ASP B 60 6.13 9.84 1.10
CA ASP B 60 4.99 10.32 0.29
C ASP B 60 5.02 9.78 -1.14
N THR B 61 6.21 9.81 -1.74
CA THR B 61 6.39 9.33 -3.11
C THR B 61 6.02 7.84 -3.17
N ILE B 62 6.63 7.06 -2.27
CA ILE B 62 6.40 5.63 -2.20
C ILE B 62 4.92 5.29 -1.92
N ARG B 63 4.26 6.11 -1.11
CA ARG B 63 2.86 5.86 -0.79
C ARG B 63 1.99 5.87 -2.06
N VAL B 64 2.04 6.95 -2.82
CA VAL B 64 1.23 7.04 -4.03
C VAL B 64 1.72 6.07 -5.11
N GLY B 65 3.00 5.71 -5.04
CA GLY B 65 3.59 4.78 -5.99
C GLY B 65 2.96 3.39 -5.93
N ASP B 66 2.18 3.18 -4.88
CA ASP B 66 1.43 1.93 -4.66
C ASP B 66 2.24 0.65 -4.78
N GLY B 67 3.43 0.64 -4.20
CA GLY B 67 4.27 -0.54 -4.22
C GLY B 67 5.17 -0.76 -5.41
N LEU B 68 5.08 0.09 -6.43
CA LEU B 68 5.91 -0.11 -7.61
C LEU B 68 7.11 0.83 -7.74
N CYS B 69 7.29 1.71 -6.77
CA CYS B 69 8.43 2.62 -6.81
C CYS B 69 9.74 1.86 -6.65
N ASP B 70 10.79 2.34 -7.30
CA ASP B 70 12.11 1.74 -7.17
C ASP B 70 12.69 2.55 -6.00
N VAL B 71 12.66 1.97 -4.81
CA VAL B 71 13.14 2.64 -3.60
C VAL B 71 14.53 3.29 -3.70
N LYS B 72 15.44 2.64 -4.40
CA LYS B 72 16.78 3.20 -4.57
C LYS B 72 16.66 4.55 -5.27
N THR B 73 15.85 4.59 -6.32
CA THR B 73 15.63 5.81 -7.08
C THR B 73 14.93 6.89 -6.26
N VAL B 74 13.88 6.50 -5.53
CA VAL B 74 13.14 7.45 -4.71
C VAL B 74 14.07 8.13 -3.70
N ASN B 75 14.90 7.33 -3.03
CA ASN B 75 15.83 7.88 -2.05
C ASN B 75 16.87 8.75 -2.74
N TYR B 76 17.36 8.32 -3.90
CA TYR B 76 18.35 9.09 -4.65
C TYR B 76 17.79 10.47 -5.01
N VAL B 77 16.67 10.49 -5.74
CA VAL B 77 16.04 11.73 -6.16
C VAL B 77 15.70 12.66 -5.01
N THR B 78 15.09 12.13 -3.96
CA THR B 78 14.71 12.95 -2.81
C THR B 78 15.90 13.51 -2.04
N SER B 79 16.98 12.76 -1.91
CA SER B 79 18.16 13.25 -1.18
C SER B 79 18.99 14.20 -2.04
N GLU B 80 18.86 14.10 -3.35
CA GLU B 80 19.60 14.97 -4.28
C GLU B 80 18.89 16.30 -4.51
N ALA B 81 17.59 16.33 -4.25
CA ALA B 81 16.76 17.51 -4.45
C ALA B 81 17.31 18.84 -3.95
N LYS B 82 17.66 18.91 -2.67
CA LYS B 82 18.18 20.15 -2.11
C LYS B 82 19.39 20.68 -2.87
N ASN B 83 20.43 19.88 -3.02
CA ASN B 83 21.62 20.33 -3.73
C ASN B 83 21.43 20.56 -5.22
N VAL B 84 20.47 19.86 -5.84
CA VAL B 84 20.22 20.07 -7.27
C VAL B 84 19.56 21.44 -7.44
N ILE B 85 18.63 21.77 -6.54
CA ILE B 85 17.97 23.07 -6.59
C ILE B 85 19.05 24.14 -6.33
N GLU B 86 19.94 23.85 -5.39
CA GLU B 86 21.02 24.76 -5.02
C GLU B 86 21.92 25.01 -6.22
N THR B 87 22.27 23.95 -6.93
CA THR B 87 23.10 24.08 -8.12
C THR B 87 22.36 24.93 -9.15
N PHE B 88 21.08 24.62 -9.37
CA PHE B 88 20.26 25.33 -10.34
C PHE B 88 20.16 26.82 -10.05
N GLU B 89 20.11 27.19 -8.76
CA GLU B 89 20.01 28.59 -8.41
C GLU B 89 21.37 29.27 -8.52
N SER B 90 22.44 28.51 -8.32
CA SER B 90 23.78 29.07 -8.44
C SER B 90 24.02 29.36 -9.92
N TRP B 91 23.33 28.62 -10.79
CA TRP B 91 23.43 28.82 -12.23
C TRP B 91 22.81 30.18 -12.52
N GLY B 92 21.86 30.58 -11.70
CA GLY B 92 21.21 31.86 -11.88
C GLY B 92 19.70 31.89 -11.73
N PHE B 93 19.07 30.75 -11.50
CA PHE B 93 17.62 30.74 -11.34
C PHE B 93 17.29 31.17 -9.92
N GLU B 94 16.06 31.61 -9.69
CA GLU B 94 15.68 32.07 -8.37
C GLU B 94 14.22 31.74 -8.01
N PHE B 95 14.02 30.62 -7.32
CA PHE B 95 12.67 30.23 -6.91
C PHE B 95 12.19 31.16 -5.81
N GLU B 96 10.89 31.16 -5.56
CA GLU B 96 10.31 31.99 -4.50
C GLU B 96 10.56 31.32 -3.16
N GLU B 97 10.51 32.10 -2.09
CA GLU B 97 10.74 31.59 -0.75
C GLU B 97 9.59 30.74 -0.23
N ASP B 98 8.37 31.20 -0.51
CA ASP B 98 7.16 30.51 -0.08
C ASP B 98 7.02 29.14 -0.75
N LEU B 99 6.95 28.09 0.06
CA LEU B 99 6.79 26.73 -0.46
C LEU B 99 5.31 26.38 -0.57
N ARG B 100 4.90 25.91 -1.74
CA ARG B 100 3.51 25.54 -1.94
C ARG B 100 3.25 24.13 -1.44
N LEU B 101 1.98 23.76 -1.35
CA LEU B 101 1.57 22.44 -0.92
C LEU B 101 0.78 21.78 -2.02
N GLU B 102 1.06 20.50 -2.28
CA GLU B 102 0.37 19.73 -3.30
C GLU B 102 -0.31 18.53 -2.62
N GLY B 103 -1.40 18.05 -3.20
CA GLY B 103 -2.09 16.91 -2.64
C GLY B 103 -1.15 15.70 -2.70
N GLY B 104 -1.12 14.92 -1.62
CA GLY B 104 -0.26 13.76 -1.59
C GLY B 104 1.01 14.05 -0.80
N HIS B 105 1.28 15.34 -0.59
CA HIS B 105 2.46 15.76 0.17
C HIS B 105 2.09 16.01 1.63
N THR B 106 2.93 15.52 2.54
CA THR B 106 2.69 15.69 3.97
C THR B 106 3.09 17.10 4.41
N LYS B 107 4.10 17.66 3.77
CA LYS B 107 4.57 19.00 4.10
C LYS B 107 4.64 19.88 2.84
N ARG B 108 4.77 21.18 3.04
CA ARG B 108 4.88 22.13 1.93
C ARG B 108 6.30 22.01 1.39
N ARG B 109 6.45 21.63 0.12
CA ARG B 109 7.78 21.48 -0.45
C ARG B 109 7.83 21.79 -1.94
N VAL B 110 6.83 22.47 -2.46
CA VAL B 110 6.80 22.77 -3.88
C VAL B 110 7.32 24.17 -4.20
N LEU B 111 8.43 24.21 -4.93
CA LEU B 111 9.07 25.47 -5.33
C LEU B 111 8.42 26.08 -6.57
N HIS B 112 8.05 27.36 -6.45
CA HIS B 112 7.41 28.09 -7.54
C HIS B 112 8.20 29.35 -7.91
N ARG B 113 7.99 29.80 -9.14
CA ARG B 113 8.57 31.05 -9.64
C ARG B 113 7.61 31.58 -10.69
N THR B 114 6.77 32.52 -10.26
CA THR B 114 5.73 33.14 -11.06
C THR B 114 4.65 32.09 -11.25
N ASP B 115 3.54 32.49 -11.87
CA ASP B 115 2.42 31.58 -12.10
C ASP B 115 2.71 30.56 -13.19
N GLU B 116 3.84 30.69 -13.87
CA GLU B 116 4.21 29.76 -14.93
C GLU B 116 5.64 29.28 -14.71
N THR B 117 5.83 28.49 -13.65
CA THR B 117 7.14 27.97 -13.31
C THR B 117 7.80 27.21 -14.45
N GLY B 118 7.06 26.32 -15.09
CA GLY B 118 7.60 25.55 -16.20
C GLY B 118 8.20 26.44 -17.28
N ARG B 119 7.43 27.45 -17.70
CA ARG B 119 7.85 28.39 -18.73
C ARG B 119 9.11 29.14 -18.31
N GLU B 120 9.13 29.61 -17.06
CA GLU B 120 10.27 30.33 -16.52
C GLU B 120 11.53 29.47 -16.57
N ILE B 121 11.38 28.20 -16.20
CA ILE B 121 12.49 27.27 -16.19
C ILE B 121 12.95 27.04 -17.63
N PHE B 122 11.99 26.96 -18.53
CA PHE B 122 12.26 26.76 -19.95
C PHE B 122 13.05 27.94 -20.52
N ASN B 123 12.55 29.15 -20.31
CA ASN B 123 13.23 30.35 -20.82
C ASN B 123 14.61 30.54 -20.21
N PHE B 124 14.76 30.24 -18.92
CA PHE B 124 16.05 30.40 -18.26
C PHE B 124 17.11 29.47 -18.86
N LEU B 125 16.77 28.20 -19.01
CA LEU B 125 17.70 27.22 -19.56
C LEU B 125 18.03 27.49 -21.02
N LEU B 126 17.06 27.99 -21.78
CA LEU B 126 17.31 28.30 -23.18
C LEU B 126 18.34 29.41 -23.25
N LYS B 127 18.17 30.43 -22.42
CA LYS B 127 19.10 31.55 -22.38
C LYS B 127 20.49 31.09 -21.97
N LEU B 128 20.55 30.22 -20.97
CA LEU B 128 21.82 29.72 -20.49
C LEU B 128 22.50 28.84 -21.56
N ALA B 129 21.69 28.06 -22.28
CA ALA B 129 22.24 27.20 -23.33
C ALA B 129 22.80 28.09 -24.45
N ARG B 130 22.10 29.17 -24.77
CA ARG B 130 22.57 30.10 -25.80
C ARG B 130 23.86 30.76 -25.37
N GLU B 131 23.97 31.06 -24.08
CA GLU B 131 25.16 31.70 -23.56
C GLU B 131 26.34 30.73 -23.52
N GLU B 132 26.06 29.43 -23.38
CA GLU B 132 27.10 28.41 -23.32
C GLU B 132 27.54 27.99 -24.72
N GLY B 133 26.94 28.58 -25.75
CA GLY B 133 27.30 28.24 -27.11
C GLY B 133 26.82 26.85 -27.53
N ILE B 134 25.74 26.38 -26.91
CA ILE B 134 25.20 25.07 -27.25
C ILE B 134 24.24 25.21 -28.42
N PRO B 135 24.52 24.52 -29.53
CA PRO B 135 23.62 24.62 -30.68
C PRO B 135 22.26 24.01 -30.34
N ILE B 136 21.20 24.73 -30.69
CA ILE B 136 19.85 24.26 -30.46
C ILE B 136 19.26 24.14 -31.86
N ILE B 137 19.05 22.90 -32.29
CA ILE B 137 18.55 22.64 -33.62
C ILE B 137 17.15 22.07 -33.66
N GLU B 138 16.32 22.60 -34.54
CA GLU B 138 14.96 22.11 -34.69
C GLU B 138 14.99 21.01 -35.75
N ASP B 139 14.89 19.76 -35.31
CA ASP B 139 14.91 18.61 -36.22
C ASP B 139 14.24 17.45 -35.49
N ARG B 140 13.95 16.38 -36.21
CA ARG B 140 13.26 15.23 -35.62
C ARG B 140 14.04 13.93 -35.66
N LEU B 141 14.17 13.28 -34.50
CA LEU B 141 14.85 12.01 -34.41
C LEU B 141 13.93 10.96 -35.03
N VAL B 142 14.45 10.10 -35.90
CA VAL B 142 13.62 9.07 -36.52
C VAL B 142 14.22 7.68 -36.42
N GLU B 143 15.50 7.59 -36.06
CA GLU B 143 16.16 6.29 -35.96
C GLU B 143 17.45 6.34 -35.13
N ILE B 144 17.75 5.25 -34.45
CA ILE B 144 18.98 5.16 -33.67
C ILE B 144 19.79 3.95 -34.15
N ARG B 145 21.08 4.17 -34.37
CA ARG B 145 21.97 3.10 -34.81
C ARG B 145 22.75 2.55 -33.63
N VAL B 146 22.76 1.22 -33.51
CA VAL B 146 23.46 0.54 -32.44
C VAL B 146 24.30 -0.62 -33.01
N LYS B 147 25.39 -0.92 -32.33
CA LYS B 147 26.27 -2.02 -32.71
C LYS B 147 26.73 -2.65 -31.41
N ASP B 148 26.65 -3.98 -31.31
CA ASP B 148 27.03 -4.68 -30.10
C ASP B 148 26.45 -4.06 -28.84
N GLY B 149 25.16 -3.70 -28.90
CA GLY B 149 24.50 -3.11 -27.76
C GLY B 149 24.96 -1.73 -27.35
N LYS B 150 25.62 -1.03 -28.26
CA LYS B 150 26.13 0.31 -28.00
C LYS B 150 25.72 1.25 -29.13
N VAL B 151 25.20 2.42 -28.78
CA VAL B 151 24.78 3.37 -29.80
C VAL B 151 25.99 3.87 -30.58
N THR B 152 25.84 3.98 -31.90
CA THR B 152 26.93 4.43 -32.75
C THR B 152 26.54 5.68 -33.53
N GLY B 153 25.24 5.89 -33.67
CA GLY B 153 24.77 7.06 -34.39
C GLY B 153 23.26 7.10 -34.39
N PHE B 154 22.70 8.10 -35.08
CA PHE B 154 21.26 8.24 -35.16
C PHE B 154 20.92 8.98 -36.44
N VAL B 155 19.63 9.01 -36.76
CA VAL B 155 19.14 9.65 -37.99
C VAL B 155 18.07 10.68 -37.65
N THR B 156 18.11 11.82 -38.35
CA THR B 156 17.11 12.87 -38.15
C THR B 156 16.38 13.09 -39.45
N GLU B 157 15.15 13.57 -39.36
CA GLU B 157 14.32 13.82 -40.52
C GLU B 157 15.01 14.70 -41.57
N LYS B 158 15.49 15.86 -41.14
CA LYS B 158 16.11 16.81 -42.06
C LYS B 158 17.60 16.67 -42.34
N ARG B 159 18.36 16.18 -41.38
CA ARG B 159 19.81 16.08 -41.58
C ARG B 159 20.27 14.69 -42.03
N GLY B 160 19.51 13.66 -41.66
CA GLY B 160 19.90 12.32 -42.05
C GLY B 160 20.74 11.62 -41.00
N LEU B 161 21.70 10.83 -41.44
CA LEU B 161 22.58 10.06 -40.55
C LEU B 161 23.68 10.87 -39.87
N VAL B 162 23.80 10.69 -38.56
CA VAL B 162 24.83 11.36 -37.75
C VAL B 162 25.73 10.23 -37.23
N GLU B 163 27.01 10.31 -37.54
CA GLU B 163 27.95 9.25 -37.16
C GLU B 163 28.90 9.45 -35.98
N ASP B 164 29.34 10.67 -35.73
CA ASP B 164 30.26 10.90 -34.62
C ASP B 164 29.53 11.15 -33.30
N VAL B 165 28.99 10.09 -32.72
CA VAL B 165 28.24 10.18 -31.47
C VAL B 165 28.95 9.53 -30.29
N ASP B 166 29.38 10.35 -29.33
CA ASP B 166 30.05 9.83 -28.14
C ASP B 166 28.98 9.34 -27.17
N LYS B 167 27.93 10.16 -27.01
CA LYS B 167 26.82 9.85 -26.13
C LYS B 167 25.52 10.41 -26.70
N LEU B 168 24.44 9.66 -26.54
CA LEU B 168 23.12 10.08 -27.01
C LEU B 168 22.20 10.12 -25.80
N VAL B 169 21.68 11.32 -25.50
CA VAL B 169 20.78 11.50 -24.38
C VAL B 169 19.37 11.76 -24.88
N LEU B 170 18.44 10.85 -24.59
CA LEU B 170 17.07 11.02 -25.01
C LEU B 170 16.26 11.70 -23.91
N ALA B 171 15.59 12.79 -24.28
CA ALA B 171 14.76 13.57 -23.35
C ALA B 171 13.54 13.98 -24.15
N THR B 172 12.97 13.03 -24.87
CA THR B 172 11.82 13.30 -25.73
C THR B 172 10.45 13.38 -25.10
N GLY B 173 10.37 13.25 -23.77
CA GLY B 173 9.07 13.32 -23.11
C GLY B 173 8.20 12.08 -23.23
N GLY B 174 7.01 12.15 -22.65
CA GLY B 174 6.09 11.03 -22.67
C GLY B 174 5.15 10.92 -23.85
N TYR B 175 4.19 10.01 -23.75
CA TYR B 175 3.24 9.78 -24.83
C TYR B 175 1.79 10.04 -24.43
N SER B 176 1.59 10.97 -23.50
CA SER B 176 0.24 11.31 -23.03
C SER B 176 -0.64 12.00 -24.08
N TYR B 177 -0.06 12.32 -25.24
CA TYR B 177 -0.87 12.96 -26.26
C TYR B 177 -1.58 11.90 -27.10
N LEU B 178 -1.18 10.64 -26.91
CA LEU B 178 -1.78 9.54 -27.65
C LEU B 178 -3.17 9.21 -27.10
N TYR B 179 -3.75 10.13 -26.35
CA TYR B 179 -5.08 9.95 -25.78
C TYR B 179 -6.02 11.04 -26.29
N GLU B 180 -7.26 10.67 -26.57
CA GLU B 180 -8.28 11.59 -27.07
C GLU B 180 -8.35 12.86 -26.24
N TYR B 181 -8.26 12.69 -24.92
CA TYR B 181 -8.28 13.80 -24.00
C TYR B 181 -6.90 13.85 -23.37
N SER B 182 -6.14 14.90 -23.66
CA SER B 182 -4.78 15.05 -23.16
C SER B 182 -4.51 16.48 -22.69
N SER B 183 -3.61 16.62 -21.72
CA SER B 183 -3.28 17.94 -21.17
C SER B 183 -2.01 18.55 -21.74
N THR B 184 -1.29 17.80 -22.57
CA THR B 184 -0.05 18.28 -23.14
C THR B 184 -0.10 18.68 -24.61
N GLN B 185 1.06 18.97 -25.18
CA GLN B 185 1.16 19.38 -26.58
C GLN B 185 1.30 18.19 -27.53
N SER B 186 0.86 18.38 -28.77
CA SER B 186 0.88 17.35 -29.80
C SER B 186 2.23 16.68 -30.04
N THR B 187 3.31 17.29 -29.54
CA THR B 187 4.64 16.70 -29.71
C THR B 187 4.77 15.36 -28.97
N ASN B 188 4.13 15.28 -27.81
CA ASN B 188 4.21 14.11 -26.93
C ASN B 188 3.54 12.83 -27.41
N ILE B 189 4.04 12.27 -28.51
CA ILE B 189 3.50 11.02 -29.04
C ILE B 189 4.41 9.85 -28.67
N GLY B 190 5.46 10.17 -27.90
CA GLY B 190 6.41 9.16 -27.46
C GLY B 190 7.15 8.43 -28.55
N ASP B 191 7.35 9.07 -29.69
CA ASP B 191 8.06 8.41 -30.78
C ASP B 191 9.54 8.21 -30.49
N GLY B 192 10.11 9.06 -29.64
CA GLY B 192 11.52 8.91 -29.31
C GLY B 192 11.67 7.61 -28.53
N MET B 193 10.67 7.32 -27.72
CA MET B 193 10.65 6.12 -26.90
C MET B 193 10.54 4.91 -27.83
N ALA B 194 9.69 5.00 -28.84
CA ALA B 194 9.49 3.91 -29.79
C ALA B 194 10.76 3.66 -30.59
N ILE B 195 11.44 4.74 -30.95
CA ILE B 195 12.68 4.66 -31.73
C ILE B 195 13.74 3.94 -30.91
N ALA B 196 13.81 4.25 -29.62
CA ALA B 196 14.77 3.59 -28.74
C ALA B 196 14.40 2.11 -28.65
N PHE B 197 13.10 1.82 -28.60
CA PHE B 197 12.64 0.43 -28.50
C PHE B 197 13.08 -0.35 -29.73
N LYS B 198 12.93 0.26 -30.90
CA LYS B 198 13.31 -0.37 -32.16
C LYS B 198 14.81 -0.61 -32.26
N ALA B 199 15.59 0.11 -31.44
CA ALA B 199 17.03 -0.06 -31.45
C ALA B 199 17.48 -1.06 -30.38
N GLY B 200 16.52 -1.71 -29.74
CA GLY B 200 16.84 -2.70 -28.72
C GLY B 200 16.83 -2.22 -27.29
N THR B 201 16.28 -1.04 -27.05
CA THR B 201 16.22 -0.51 -25.69
C THR B 201 15.04 -1.14 -24.94
N ILE B 202 15.23 -1.41 -23.66
CA ILE B 202 14.19 -2.01 -22.82
C ILE B 202 13.24 -0.97 -22.22
N LEU B 203 11.95 -1.21 -22.36
CA LEU B 203 10.90 -0.34 -21.84
C LEU B 203 10.15 -1.05 -20.70
N ALA B 204 9.47 -0.27 -19.86
CA ALA B 204 8.72 -0.83 -18.75
C ALA B 204 7.64 0.12 -18.21
N ASP B 205 6.72 -0.44 -17.44
CA ASP B 205 5.64 0.32 -16.83
C ASP B 205 4.83 1.14 -17.83
N MET B 206 4.68 0.61 -19.04
CA MET B 206 3.94 1.29 -20.09
C MET B 206 2.47 1.45 -19.73
N GLU B 207 1.97 0.57 -18.89
CA GLU B 207 0.56 0.58 -18.48
C GLU B 207 0.20 1.63 -17.42
N PHE B 208 1.21 2.26 -16.82
CA PHE B 208 0.93 3.24 -15.77
C PHE B 208 0.86 4.68 -16.26
N VAL B 209 -0.22 4.98 -16.98
CA VAL B 209 -0.48 6.31 -17.50
C VAL B 209 -1.33 7.04 -16.48
N GLN B 210 -0.87 8.22 -16.06
CA GLN B 210 -1.58 9.00 -15.07
C GLN B 210 -2.51 10.02 -15.74
N PHE B 211 -3.73 10.11 -15.23
CA PHE B 211 -4.72 11.04 -15.76
C PHE B 211 -5.02 12.12 -14.74
N HIS B 212 -5.40 13.30 -15.21
CA HIS B 212 -5.76 14.40 -14.33
C HIS B 212 -7.28 14.45 -14.43
N PRO B 213 -7.98 14.40 -13.29
CA PRO B 213 -9.44 14.43 -13.21
C PRO B 213 -10.21 15.64 -13.70
N THR B 214 -9.71 16.84 -13.41
CA THR B 214 -10.43 18.05 -13.80
C THR B 214 -9.62 18.99 -14.69
N VAL B 215 -9.85 18.91 -15.99
CA VAL B 215 -9.16 19.75 -16.96
C VAL B 215 -10.19 20.42 -17.86
N THR B 216 -9.92 21.64 -18.30
CA THR B 216 -10.83 22.36 -19.18
C THR B 216 -10.03 22.87 -20.38
N SER B 217 -10.72 23.34 -21.42
CA SER B 217 -10.03 23.83 -22.59
C SER B 217 -10.78 24.96 -23.30
N LEU B 218 -11.05 26.04 -22.58
CA LEU B 218 -11.76 27.16 -23.16
C LEU B 218 -11.00 27.75 -24.35
N ASP B 219 -11.70 27.92 -25.47
CA ASP B 219 -11.10 28.47 -26.68
C ASP B 219 -9.83 27.71 -27.06
N GLY B 220 -9.76 26.44 -26.70
CA GLY B 220 -8.61 25.63 -27.04
C GLY B 220 -7.43 25.67 -26.08
N GLU B 221 -7.46 26.56 -25.08
CA GLU B 221 -6.35 26.63 -24.14
C GLU B 221 -6.56 25.63 -23.01
N VAL B 222 -5.75 24.57 -22.98
CA VAL B 222 -5.85 23.56 -21.94
C VAL B 222 -5.37 24.15 -20.61
N PHE B 223 -6.12 23.88 -19.55
CA PHE B 223 -5.78 24.42 -18.23
C PHE B 223 -6.17 23.41 -17.17
N LEU B 224 -5.24 23.09 -16.27
CA LEU B 224 -5.51 22.16 -15.19
C LEU B 224 -6.23 22.91 -14.09
N LEU B 225 -7.31 22.33 -13.58
CA LEU B 225 -8.07 22.94 -12.50
C LEU B 225 -7.66 22.20 -11.22
N THR B 226 -6.92 22.89 -10.37
CA THR B 226 -6.41 22.32 -9.13
C THR B 226 -7.46 21.75 -8.19
N GLU B 227 -7.05 20.78 -7.36
CA GLU B 227 -7.96 20.13 -6.43
C GLU B 227 -8.39 21.07 -5.31
N THR B 228 -7.59 22.11 -5.07
CA THR B 228 -7.90 23.09 -4.03
C THR B 228 -9.28 23.70 -4.27
N LEU B 229 -9.69 23.77 -5.53
CA LEU B 229 -10.99 24.33 -5.86
C LEU B 229 -12.10 23.53 -5.18
N ARG B 230 -11.97 22.21 -5.23
CA ARG B 230 -12.96 21.33 -4.62
C ARG B 230 -12.95 21.47 -3.10
N GLY B 231 -11.76 21.50 -2.51
CA GLY B 231 -11.67 21.65 -1.07
C GLY B 231 -12.31 22.95 -0.63
N GLU B 232 -12.28 23.94 -1.51
CA GLU B 232 -12.85 25.25 -1.22
C GLU B 232 -14.32 25.42 -1.59
N GLY B 233 -14.94 24.37 -2.10
CA GLY B 233 -16.36 24.46 -2.42
C GLY B 233 -16.82 24.16 -3.84
N ALA B 234 -15.89 23.99 -4.78
CA ALA B 234 -16.26 23.71 -6.16
C ALA B 234 -17.12 22.43 -6.24
N GLN B 235 -18.14 22.46 -7.09
CA GLN B 235 -19.00 21.30 -7.24
C GLN B 235 -18.88 20.74 -8.67
N ILE B 236 -18.97 19.43 -8.81
CA ILE B 236 -18.90 18.80 -10.11
C ILE B 236 -20.28 18.23 -10.43
N ILE B 237 -20.79 18.54 -11.62
CA ILE B 237 -22.11 18.08 -12.03
C ILE B 237 -22.18 17.73 -13.51
N ASN B 238 -23.25 17.06 -13.91
CA ASN B 238 -23.45 16.73 -15.32
C ASN B 238 -24.41 17.78 -15.87
N GLU B 239 -24.83 17.62 -17.12
CA GLU B 239 -25.73 18.61 -17.73
C GLU B 239 -27.09 18.71 -17.05
N ASN B 240 -27.43 17.70 -16.24
CA ASN B 240 -28.71 17.72 -15.56
C ASN B 240 -28.62 18.40 -14.19
N GLY B 241 -27.43 18.89 -13.86
CA GLY B 241 -27.23 19.56 -12.59
C GLY B 241 -27.15 18.60 -11.42
N GLU B 242 -26.81 17.36 -11.73
CA GLU B 242 -26.68 16.31 -10.72
C GLU B 242 -25.23 16.11 -10.29
N ARG B 243 -25.01 15.95 -8.99
CA ARG B 243 -23.67 15.74 -8.47
C ARG B 243 -23.42 14.23 -8.41
N PHE B 244 -23.31 13.65 -9.60
CA PHE B 244 -23.10 12.22 -9.80
C PHE B 244 -21.95 11.56 -9.04
N LEU B 245 -20.93 12.34 -8.67
CA LEU B 245 -19.78 11.78 -7.97
C LEU B 245 -20.14 10.91 -6.77
N PHE B 246 -21.15 11.32 -6.01
CA PHE B 246 -21.55 10.55 -4.83
C PHE B 246 -21.96 9.11 -5.16
N ASN B 247 -22.51 8.90 -6.35
CA ASN B 247 -22.93 7.57 -6.77
C ASN B 247 -21.76 6.62 -6.96
N TYR B 248 -20.55 7.17 -7.04
CA TYR B 248 -19.36 6.35 -7.24
C TYR B 248 -18.50 6.28 -5.97
N ASP B 249 -18.55 7.36 -5.18
CA ASP B 249 -17.79 7.43 -3.94
C ASP B 249 -18.50 8.45 -3.04
N LYS B 250 -18.72 8.10 -1.78
CA LYS B 250 -19.41 8.99 -0.87
C LYS B 250 -18.65 10.25 -0.46
N ARG B 251 -17.40 10.36 -0.87
CA ARG B 251 -16.59 11.54 -0.56
C ARG B 251 -16.89 12.65 -1.57
N GLY B 252 -17.62 12.31 -2.61
CA GLY B 252 -17.98 13.28 -3.64
C GLY B 252 -16.78 14.03 -4.22
N GLU B 253 -16.87 15.35 -4.30
CA GLU B 253 -15.79 16.15 -4.85
C GLU B 253 -14.52 16.09 -4.00
N LEU B 254 -14.62 15.50 -2.82
CA LEU B 254 -13.44 15.40 -1.95
C LEU B 254 -12.71 14.06 -2.05
N ALA B 255 -13.11 13.24 -3.01
CA ALA B 255 -12.46 11.94 -3.20
C ALA B 255 -11.16 12.12 -3.99
N PRO B 256 -10.21 11.18 -3.85
CA PRO B 256 -8.92 11.23 -4.55
C PRO B 256 -9.00 11.37 -6.08
N ARG B 257 -7.95 11.92 -6.65
CA ARG B 257 -7.86 12.14 -8.10
C ARG B 257 -8.40 10.99 -8.94
N ASP B 258 -7.76 9.83 -8.84
CA ASP B 258 -8.18 8.67 -9.63
C ASP B 258 -9.65 8.29 -9.46
N ILE B 259 -10.19 8.48 -8.27
CA ILE B 259 -11.59 8.15 -8.02
C ILE B 259 -12.47 9.07 -8.87
N LEU B 260 -12.13 10.35 -8.89
CA LEU B 260 -12.89 11.31 -9.68
C LEU B 260 -12.71 10.99 -11.16
N SER B 261 -11.47 10.70 -11.55
CA SER B 261 -11.19 10.37 -12.94
C SER B 261 -12.08 9.23 -13.42
N ARG B 262 -12.16 8.17 -12.63
CA ARG B 262 -12.96 7.01 -12.99
C ARG B 262 -14.45 7.33 -13.04
N ALA B 263 -14.93 8.08 -12.05
CA ALA B 263 -16.33 8.45 -11.98
C ALA B 263 -16.71 9.39 -13.13
N ILE B 264 -15.84 10.36 -13.42
CA ILE B 264 -16.11 11.30 -14.50
C ILE B 264 -16.06 10.55 -15.83
N TYR B 265 -15.12 9.62 -15.94
CA TYR B 265 -14.96 8.81 -17.15
C TYR B 265 -16.25 8.03 -17.42
N ILE B 266 -16.73 7.32 -16.41
CA ILE B 266 -17.96 6.54 -16.54
C ILE B 266 -19.13 7.45 -16.93
N GLU B 267 -19.24 8.57 -16.23
CA GLU B 267 -20.32 9.52 -16.49
C GLU B 267 -20.29 9.94 -17.96
N MET B 268 -19.10 10.25 -18.46
CA MET B 268 -18.94 10.65 -19.86
C MET B 268 -19.24 9.51 -20.82
N LEU B 269 -18.83 8.30 -20.46
CA LEU B 269 -19.09 7.14 -21.33
C LEU B 269 -20.58 6.91 -21.51
N LYS B 270 -21.39 7.44 -20.60
CA LYS B 270 -22.83 7.27 -20.67
C LYS B 270 -23.46 8.40 -21.49
N GLY B 271 -22.62 9.33 -21.94
CA GLY B 271 -23.11 10.43 -22.74
C GLY B 271 -23.35 11.75 -22.02
N HIS B 272 -23.00 11.82 -20.74
CA HIS B 272 -23.21 13.04 -19.98
C HIS B 272 -22.08 14.05 -20.20
N LYS B 273 -22.38 15.32 -19.95
CA LYS B 273 -21.39 16.38 -20.07
C LYS B 273 -21.06 16.79 -18.65
N VAL B 274 -19.77 16.90 -18.35
CA VAL B 274 -19.37 17.25 -17.00
C VAL B 274 -18.93 18.71 -16.90
N PHE B 275 -19.28 19.34 -15.79
CA PHE B 275 -18.94 20.73 -15.53
C PHE B 275 -18.50 20.88 -14.08
N ILE B 276 -17.71 21.93 -13.82
CA ILE B 276 -17.30 22.22 -12.47
C ILE B 276 -17.93 23.58 -12.18
N ASP B 277 -18.45 23.75 -10.97
CA ASP B 277 -19.10 25.00 -10.57
C ASP B 277 -18.31 25.64 -9.44
N LEU B 278 -17.88 26.88 -9.65
CA LEU B 278 -17.09 27.60 -8.66
C LEU B 278 -17.86 28.73 -7.98
N SER B 279 -19.16 28.81 -8.25
CA SER B 279 -20.00 29.88 -7.68
C SER B 279 -20.13 29.87 -6.16
N LYS B 280 -19.82 28.75 -5.52
CA LYS B 280 -19.94 28.68 -4.07
C LYS B 280 -18.64 28.93 -3.31
N ILE B 281 -17.53 29.07 -4.06
CA ILE B 281 -16.25 29.34 -3.43
C ILE B 281 -16.21 30.77 -2.92
N GLU B 282 -16.06 30.93 -1.61
CA GLU B 282 -16.00 32.25 -1.00
C GLU B 282 -14.63 32.89 -1.22
N ASP B 283 -14.62 34.17 -1.60
CA ASP B 283 -13.38 34.90 -1.86
C ASP B 283 -12.60 34.20 -2.95
N PHE B 284 -13.29 33.81 -4.02
CA PHE B 284 -12.67 33.11 -5.14
C PHE B 284 -11.45 33.77 -5.77
N GLU B 285 -11.63 34.99 -6.28
CA GLU B 285 -10.54 35.69 -6.94
C GLU B 285 -9.26 35.81 -6.12
N ARG B 286 -9.42 36.02 -4.82
CA ARG B 286 -8.28 36.15 -3.92
C ARG B 286 -7.58 34.80 -3.73
N LYS B 287 -8.39 33.75 -3.61
CA LYS B 287 -7.87 32.40 -3.40
C LYS B 287 -7.30 31.74 -4.64
N PHE B 288 -7.88 32.02 -5.80
CA PHE B 288 -7.43 31.41 -7.05
C PHE B 288 -7.14 32.44 -8.12
N PRO B 289 -6.07 33.23 -7.94
CA PRO B 289 -5.67 34.28 -8.89
C PRO B 289 -5.39 33.78 -10.31
N VAL B 290 -4.66 32.67 -10.43
CA VAL B 290 -4.34 32.14 -11.74
C VAL B 290 -5.59 31.57 -12.42
N VAL B 291 -6.43 30.88 -11.68
CA VAL B 291 -7.66 30.32 -12.26
C VAL B 291 -8.55 31.47 -12.71
N ALA B 292 -8.67 32.50 -11.88
CA ALA B 292 -9.50 33.66 -12.19
C ALA B 292 -8.95 34.33 -13.45
N LYS B 293 -7.63 34.42 -13.53
CA LYS B 293 -6.97 35.06 -14.66
C LYS B 293 -7.29 34.31 -15.94
N TYR B 294 -7.23 32.98 -15.90
CA TYR B 294 -7.53 32.14 -17.06
C TYR B 294 -8.98 32.31 -17.52
N LEU B 295 -9.91 32.26 -16.57
CA LEU B 295 -11.32 32.43 -16.91
C LEU B 295 -11.57 33.83 -17.48
N ALA B 296 -10.92 34.82 -16.87
CA ALA B 296 -11.06 36.21 -17.29
C ALA B 296 -10.70 36.40 -18.76
N ARG B 297 -9.55 35.87 -19.17
CA ARG B 297 -9.14 36.05 -20.55
C ARG B 297 -9.96 35.32 -21.59
N HIS B 298 -10.80 34.37 -21.16
CA HIS B 298 -11.64 33.66 -22.11
C HIS B 298 -13.06 34.17 -22.01
N GLY B 299 -13.23 35.25 -21.24
CA GLY B 299 -14.54 35.85 -21.07
C GLY B 299 -15.53 34.92 -20.42
N HIS B 300 -15.06 34.12 -19.48
CA HIS B 300 -15.92 33.17 -18.79
C HIS B 300 -16.11 33.59 -17.33
N ASN B 301 -17.33 34.00 -16.99
CA ASN B 301 -17.67 34.42 -15.64
C ASN B 301 -17.43 33.26 -14.69
N TYR B 302 -16.54 33.43 -13.70
CA TYR B 302 -16.26 32.32 -12.79
C TYR B 302 -17.49 31.84 -12.03
N LYS B 303 -18.59 32.59 -12.12
CA LYS B 303 -19.83 32.22 -11.47
C LYS B 303 -20.62 31.23 -12.34
N VAL B 304 -20.18 31.09 -13.60
CA VAL B 304 -20.83 30.20 -14.56
C VAL B 304 -20.11 28.86 -14.65
N LYS B 305 -20.88 27.76 -14.72
CA LYS B 305 -20.28 26.43 -14.80
C LYS B 305 -19.26 26.30 -15.93
N ILE B 306 -18.18 25.58 -15.64
CA ILE B 306 -17.09 25.37 -16.57
C ILE B 306 -17.05 23.94 -17.12
N PRO B 307 -17.02 23.78 -18.45
CA PRO B 307 -16.97 22.42 -18.99
C PRO B 307 -15.60 21.78 -18.69
N ILE B 308 -15.62 20.56 -18.16
CA ILE B 308 -14.38 19.87 -17.83
C ILE B 308 -14.31 18.45 -18.36
N PHE B 309 -13.14 17.85 -18.19
CA PHE B 309 -12.91 16.48 -18.63
C PHE B 309 -11.63 15.96 -18.02
N PRO B 310 -11.52 14.64 -17.86
CA PRO B 310 -10.31 14.05 -17.30
C PRO B 310 -9.39 13.91 -18.52
N ALA B 311 -8.09 13.77 -18.31
CA ALA B 311 -7.18 13.67 -19.46
C ALA B 311 -5.84 13.02 -19.15
N ALA B 312 -5.30 12.31 -20.14
CA ALA B 312 -4.00 11.67 -20.01
C ALA B 312 -3.10 12.84 -19.63
N HIS B 313 -2.24 12.63 -18.63
CA HIS B 313 -1.41 13.70 -18.12
C HIS B 313 0.10 13.41 -18.07
N PHE B 314 0.47 12.26 -17.52
CA PHE B 314 1.89 11.92 -17.38
C PHE B 314 2.06 10.41 -17.46
N VAL B 315 3.11 9.96 -18.14
CA VAL B 315 3.39 8.54 -18.26
C VAL B 315 4.48 8.17 -17.26
N ASP B 316 4.21 7.19 -16.41
CA ASP B 316 5.17 6.74 -15.40
C ASP B 316 6.29 5.91 -16.01
N GLY B 317 5.96 5.14 -17.05
CA GLY B 317 6.93 4.27 -17.68
C GLY B 317 7.79 4.85 -18.80
N GLY B 318 8.37 3.96 -19.59
CA GLY B 318 9.23 4.36 -20.68
C GLY B 318 10.53 3.57 -20.64
N ILE B 319 11.62 4.20 -21.11
CA ILE B 319 12.94 3.57 -21.13
C ILE B 319 13.48 3.37 -19.71
N ARG B 320 13.57 2.12 -19.28
CA ARG B 320 14.08 1.84 -17.93
C ARG B 320 15.53 2.33 -17.82
N VAL B 321 15.84 3.02 -16.73
CA VAL B 321 17.19 3.52 -16.51
C VAL B 321 17.58 3.37 -15.04
N ASN B 322 18.88 3.43 -14.76
CA ASN B 322 19.35 3.36 -13.38
C ASN B 322 19.34 4.81 -12.88
N ILE B 323 19.84 5.04 -11.67
CA ILE B 323 19.83 6.40 -11.12
C ILE B 323 20.64 7.43 -11.90
N ARG B 324 21.47 6.96 -12.83
CA ARG B 324 22.29 7.86 -13.64
C ARG B 324 21.58 8.26 -14.92
N GLY B 325 20.56 7.49 -15.29
CA GLY B 325 19.84 7.76 -16.51
C GLY B 325 20.34 6.87 -17.63
N GLU B 326 21.11 5.86 -17.27
CA GLU B 326 21.64 4.92 -18.28
C GLU B 326 20.58 3.88 -18.61
N SER B 327 20.38 3.62 -19.91
CA SER B 327 19.42 2.59 -20.32
C SER B 327 20.22 1.29 -20.45
N ASN B 328 19.62 0.26 -21.03
CA ASN B 328 20.31 -1.00 -21.22
C ASN B 328 21.30 -0.90 -22.38
N ILE B 329 21.12 0.12 -23.22
CA ILE B 329 22.01 0.32 -24.36
C ILE B 329 23.15 1.26 -23.98
N VAL B 330 24.38 0.78 -24.11
CA VAL B 330 25.55 1.57 -23.74
C VAL B 330 25.61 2.91 -24.48
N ASN B 331 25.91 3.97 -23.73
CA ASN B 331 26.02 5.33 -24.26
C ASN B 331 24.69 5.94 -24.63
N LEU B 332 23.61 5.21 -24.35
CA LEU B 332 22.27 5.72 -24.63
C LEU B 332 21.61 6.04 -23.28
N TYR B 333 21.42 7.32 -23.00
CA TYR B 333 20.80 7.77 -21.75
C TYR B 333 19.33 8.13 -22.02
N ALA B 334 18.51 8.05 -20.98
CA ALA B 334 17.10 8.41 -21.06
C ALA B 334 16.80 9.18 -19.78
N ILE B 335 16.36 10.43 -19.92
CA ILE B 335 16.05 11.26 -18.76
C ILE B 335 14.72 11.99 -18.93
N GLY B 336 14.13 12.40 -17.82
CA GLY B 336 12.86 13.09 -17.89
C GLY B 336 11.74 12.09 -18.07
N GLU B 337 10.61 12.55 -18.59
CA GLU B 337 9.44 11.70 -18.76
C GLU B 337 9.56 10.52 -19.73
N VAL B 338 10.53 10.55 -20.64
CA VAL B 338 10.71 9.44 -21.58
C VAL B 338 11.32 8.23 -20.87
N SER B 339 11.90 8.48 -19.69
CA SER B 339 12.55 7.41 -18.93
C SER B 339 11.70 6.82 -17.81
N ASP B 340 12.10 5.64 -17.36
CA ASP B 340 11.43 4.96 -16.27
C ASP B 340 12.51 4.64 -15.24
N SER B 341 12.74 5.58 -14.34
CA SER B 341 13.75 5.40 -13.30
C SER B 341 13.14 4.63 -12.13
N GLY B 342 11.82 4.47 -12.16
CA GLY B 342 11.14 3.77 -11.09
C GLY B 342 10.72 4.72 -9.97
N LEU B 343 11.02 6.01 -10.15
CA LEU B 343 10.67 7.03 -9.17
C LEU B 343 9.16 7.12 -8.92
N HIS B 344 8.38 6.99 -9.99
CA HIS B 344 6.94 7.13 -9.91
C HIS B 344 6.08 5.91 -9.62
N GLY B 345 6.61 4.71 -9.86
CA GLY B 345 5.83 3.51 -9.58
C GLY B 345 4.50 3.51 -10.33
N ALA B 346 3.42 3.19 -9.63
CA ALA B 346 2.10 3.13 -10.26
C ALA B 346 1.36 4.47 -10.23
N ASN B 347 2.04 5.52 -9.76
CA ASN B 347 1.44 6.85 -9.71
C ASN B 347 2.43 7.91 -9.28
N ARG B 348 2.72 8.82 -10.19
CA ARG B 348 3.63 9.93 -9.97
C ARG B 348 3.09 10.83 -8.89
N LEU B 349 3.98 11.36 -8.06
CA LEU B 349 3.59 12.27 -6.99
C LEU B 349 3.68 13.64 -7.66
N ALA B 350 2.72 14.52 -7.39
CA ALA B 350 2.74 15.85 -7.99
C ALA B 350 4.05 16.58 -7.70
N SER B 351 4.56 17.28 -8.70
CA SER B 351 5.80 18.07 -8.58
C SER B 351 7.10 17.26 -8.62
N ASN B 352 6.98 15.94 -8.66
CA ASN B 352 8.16 15.07 -8.71
C ASN B 352 8.67 14.89 -10.13
N SER B 353 7.86 15.26 -11.12
CA SER B 353 8.27 15.10 -12.50
C SER B 353 9.26 16.18 -12.95
N LEU B 354 8.97 17.44 -12.65
CA LEU B 354 9.92 18.49 -13.02
C LEU B 354 11.20 18.26 -12.23
N LEU B 355 11.06 17.80 -10.99
CA LEU B 355 12.23 17.51 -10.14
C LEU B 355 13.09 16.42 -10.78
N GLU B 356 12.45 15.34 -11.22
CA GLU B 356 13.15 14.23 -11.84
C GLU B 356 13.95 14.68 -13.06
N GLY B 357 13.32 15.47 -13.92
CA GLY B 357 14.00 15.94 -15.12
C GLY B 357 15.26 16.73 -14.77
N LEU B 358 15.12 17.63 -13.81
CA LEU B 358 16.21 18.49 -13.38
C LEU B 358 17.34 17.71 -12.71
N VAL B 359 17.00 16.77 -11.84
CA VAL B 359 18.02 15.99 -11.15
C VAL B 359 18.84 15.14 -12.11
N PHE B 360 18.16 14.36 -12.96
CA PHE B 360 18.88 13.52 -13.91
C PHE B 360 19.69 14.31 -14.92
N GLY B 361 19.26 15.53 -15.21
CA GLY B 361 19.97 16.37 -16.15
C GLY B 361 21.18 17.04 -15.53
N ILE B 362 20.97 17.76 -14.43
CA ILE B 362 22.08 18.44 -13.77
C ILE B 362 23.12 17.48 -13.22
N ASN B 363 22.71 16.27 -12.87
CA ASN B 363 23.65 15.29 -12.33
C ASN B 363 24.36 14.40 -13.37
N LEU B 364 23.96 14.49 -14.63
CA LEU B 364 24.56 13.67 -15.68
C LEU B 364 26.09 13.74 -15.77
N PRO B 365 26.68 14.94 -15.58
CA PRO B 365 28.14 15.04 -15.65
C PRO B 365 28.87 14.18 -14.62
N ARG B 366 28.21 13.94 -13.49
CA ARG B 366 28.80 13.15 -12.41
C ARG B 366 29.07 11.70 -12.83
N TYR B 367 28.37 11.23 -13.86
CA TYR B 367 28.52 9.85 -14.32
C TYR B 367 28.97 9.65 -15.77
N VAL B 368 28.86 10.69 -16.58
CA VAL B 368 29.19 10.58 -18.00
C VAL B 368 30.52 9.93 -18.37
N ASP B 369 31.53 10.08 -17.53
CA ASP B 369 32.83 9.48 -17.83
C ASP B 369 33.04 8.14 -17.12
N SER B 370 32.01 7.63 -16.47
CA SER B 370 32.14 6.37 -15.76
C SER B 370 31.80 5.19 -16.65
N SER B 371 32.32 4.02 -16.30
CA SER B 371 32.04 2.83 -17.08
C SER B 371 30.55 2.55 -16.95
N TRP B 372 29.92 2.19 -18.05
CA TRP B 372 28.49 1.93 -18.07
C TRP B 372 28.06 0.83 -17.09
N GLU B 373 27.01 1.10 -16.32
CA GLU B 373 26.49 0.15 -15.37
C GLU B 373 25.21 -0.52 -15.88
N GLY B 374 24.40 0.23 -16.60
CA GLY B 374 23.17 -0.33 -17.14
C GLY B 374 22.08 -0.61 -16.14
N ILE B 375 21.15 -1.48 -16.51
CA ILE B 375 20.00 -1.82 -15.68
C ILE B 375 19.89 -3.31 -15.34
N SER B 376 18.91 -3.61 -14.49
CA SER B 376 18.64 -4.98 -14.09
C SER B 376 17.14 -5.15 -14.21
N THR B 377 16.69 -6.31 -14.71
CA THR B 377 15.27 -6.58 -14.85
C THR B 377 14.81 -7.56 -13.78
N ASP B 378 15.69 -7.83 -12.82
CA ASP B 378 15.37 -8.76 -11.74
C ASP B 378 14.12 -8.32 -10.98
N ASP B 379 13.73 -7.06 -11.15
CA ASP B 379 12.53 -6.56 -10.47
C ASP B 379 11.30 -6.68 -11.37
N GLY B 380 11.39 -7.53 -12.39
CA GLY B 380 10.27 -7.69 -13.29
C GLY B 380 10.34 -8.89 -14.22
N ILE B 381 9.44 -8.91 -15.20
CA ILE B 381 9.37 -10.00 -16.18
C ILE B 381 9.55 -9.40 -17.57
N VAL B 382 10.51 -9.93 -18.32
CA VAL B 382 10.75 -9.43 -19.67
C VAL B 382 9.89 -10.16 -20.69
N HIS B 383 9.27 -9.38 -21.57
CA HIS B 383 8.41 -9.93 -22.62
C HIS B 383 8.98 -9.53 -23.98
N SER B 384 9.44 -10.51 -24.76
CA SER B 384 9.97 -10.19 -26.08
C SER B 384 8.80 -10.06 -27.03
N VAL B 385 8.75 -8.96 -27.77
CA VAL B 385 7.65 -8.74 -28.70
C VAL B 385 8.11 -8.48 -30.12
N ARG B 386 7.31 -8.94 -31.08
CA ARG B 386 7.62 -8.76 -32.48
C ARG B 386 6.72 -7.68 -33.06
N ILE B 387 7.32 -6.80 -33.84
CA ILE B 387 6.61 -5.70 -34.48
C ILE B 387 6.68 -5.85 -35.99
N SER B 388 5.52 -6.00 -36.62
CA SER B 388 5.43 -6.13 -38.07
C SER B 388 4.03 -5.77 -38.55
N GLY B 389 3.87 -5.63 -39.85
CA GLY B 389 2.58 -5.28 -40.41
C GLY B 389 2.67 -4.02 -41.23
N ASN B 390 1.62 -3.72 -41.99
CA ASN B 390 1.60 -2.52 -42.82
C ASN B 390 0.28 -1.81 -42.71
N LYS B 391 -0.39 -1.97 -41.57
CA LYS B 391 -1.67 -1.32 -41.34
C LYS B 391 -1.39 0.08 -40.79
N THR B 392 -2.05 1.07 -41.38
CA THR B 392 -1.85 2.46 -40.97
C THR B 392 -3.06 2.96 -40.19
N LEU B 393 -2.80 3.65 -39.08
CA LEU B 393 -3.87 4.20 -38.26
C LEU B 393 -3.68 5.70 -38.10
N SER B 394 -4.76 6.46 -38.27
CA SER B 394 -4.67 7.92 -38.10
C SER B 394 -4.39 8.18 -36.63
N LEU B 395 -3.91 9.38 -36.30
CA LEU B 395 -3.62 9.70 -34.92
C LEU B 395 -4.94 9.80 -34.16
N LYS B 396 -5.97 10.30 -34.83
CA LYS B 396 -7.28 10.45 -34.21
C LYS B 396 -7.81 9.08 -33.74
N GLU B 397 -7.72 8.08 -34.60
CA GLU B 397 -8.20 6.74 -34.26
C GLU B 397 -7.41 6.17 -33.09
N ILE B 398 -6.09 6.35 -33.10
CA ILE B 398 -5.26 5.85 -32.02
C ILE B 398 -5.66 6.53 -30.72
N ARG B 399 -5.84 7.85 -30.78
CA ARG B 399 -6.21 8.60 -29.60
C ARG B 399 -7.55 8.17 -29.02
N ARG B 400 -8.48 7.76 -29.88
CA ARG B 400 -9.79 7.31 -29.43
C ARG B 400 -9.69 5.88 -28.86
N ILE B 401 -9.01 5.01 -29.60
CA ILE B 401 -8.86 3.63 -29.17
C ILE B 401 -8.24 3.58 -27.78
N ASN B 402 -7.19 4.36 -27.57
CA ASN B 402 -6.51 4.39 -26.27
C ASN B 402 -7.42 4.94 -25.18
N TRP B 403 -8.19 5.98 -25.50
CA TRP B 403 -9.09 6.56 -24.51
C TRP B 403 -10.22 5.63 -24.09
N GLU B 404 -10.76 4.90 -25.06
CA GLU B 404 -11.88 4.00 -24.79
C GLU B 404 -11.49 2.56 -24.49
N ASN B 405 -10.35 2.11 -25.00
CA ASN B 405 -9.92 0.73 -24.79
C ASN B 405 -8.69 0.52 -23.92
N VAL B 406 -7.94 1.59 -23.66
CA VAL B 406 -6.75 1.48 -22.82
C VAL B 406 -6.75 2.71 -21.92
N GLY B 407 -7.93 3.08 -21.44
CA GLY B 407 -8.07 4.26 -20.62
C GLY B 407 -8.20 4.16 -19.11
N ILE B 408 -8.95 5.10 -18.56
CA ILE B 408 -9.17 5.24 -17.13
C ILE B 408 -9.73 4.00 -16.45
N ILE B 409 -10.55 3.24 -17.18
CA ILE B 409 -11.10 2.00 -16.66
C ILE B 409 -10.85 1.00 -17.77
N ARG B 410 -10.30 -0.17 -17.41
CA ARG B 410 -9.99 -1.17 -18.42
C ARG B 410 -10.59 -2.53 -18.09
N ASN B 411 -10.70 -3.39 -19.11
CA ASN B 411 -11.21 -4.74 -18.94
C ASN B 411 -10.64 -5.55 -20.09
N GLU B 412 -10.61 -6.87 -19.92
CA GLU B 412 -10.05 -7.76 -20.92
C GLU B 412 -10.59 -7.58 -22.35
N GLU B 413 -11.91 -7.57 -22.49
CA GLU B 413 -12.50 -7.42 -23.82
C GLU B 413 -11.96 -6.23 -24.58
N LYS B 414 -12.00 -5.05 -23.97
CA LYS B 414 -11.52 -3.84 -24.61
C LYS B 414 -10.01 -3.87 -24.86
N LEU B 415 -9.23 -4.30 -23.86
CA LEU B 415 -7.78 -4.37 -24.02
C LEU B 415 -7.40 -5.27 -25.19
N VAL B 416 -8.07 -6.42 -25.29
CA VAL B 416 -7.78 -7.36 -26.37
C VAL B 416 -8.09 -6.74 -27.73
N LYS B 417 -9.17 -5.99 -27.83
CA LYS B 417 -9.52 -5.35 -29.10
C LYS B 417 -8.44 -4.35 -29.48
N ALA B 418 -7.95 -3.59 -28.50
CA ALA B 418 -6.91 -2.61 -28.77
C ALA B 418 -5.62 -3.35 -29.17
N ILE B 419 -5.27 -4.39 -28.43
CA ILE B 419 -4.08 -5.18 -28.72
C ILE B 419 -4.10 -5.67 -30.17
N ASN B 420 -5.18 -6.36 -30.56
CA ASN B 420 -5.31 -6.87 -31.92
C ASN B 420 -5.23 -5.76 -32.96
N THR B 421 -5.82 -4.60 -32.64
CA THR B 421 -5.80 -3.49 -33.58
C THR B 421 -4.37 -2.98 -33.81
N TYR B 422 -3.61 -2.81 -32.73
CA TYR B 422 -2.24 -2.31 -32.85
C TYR B 422 -1.22 -3.35 -33.29
N SER B 423 -1.55 -4.62 -33.14
CA SER B 423 -0.64 -5.71 -33.51
C SER B 423 -0.18 -5.73 -34.98
N SER B 424 -0.97 -5.13 -35.86
CA SER B 424 -0.63 -5.11 -37.28
C SER B 424 -0.12 -3.77 -37.79
N SER B 425 0.52 -3.00 -36.92
CA SER B 425 1.04 -1.69 -37.30
C SER B 425 2.46 -1.49 -36.78
N THR B 426 3.31 -0.87 -37.59
CA THR B 426 4.69 -0.61 -37.21
C THR B 426 4.89 0.88 -36.92
N GLN B 427 3.81 1.66 -37.02
CA GLN B 427 3.88 3.08 -36.75
C GLN B 427 4.37 3.27 -35.32
N ASN B 428 5.13 4.33 -35.08
CA ASN B 428 5.64 4.59 -33.73
C ASN B 428 4.52 4.75 -32.71
N GLU B 429 3.48 5.49 -33.08
CA GLU B 429 2.35 5.71 -32.18
C GLU B 429 1.62 4.40 -31.87
N ALA B 430 1.60 3.50 -32.85
CA ALA B 430 0.95 2.21 -32.69
C ALA B 430 1.79 1.28 -31.81
N ILE B 431 3.11 1.35 -31.97
CA ILE B 431 4.00 0.51 -31.18
C ILE B 431 3.84 0.83 -29.69
N ILE B 432 3.85 2.11 -29.35
CA ILE B 432 3.72 2.52 -27.95
C ILE B 432 2.36 2.11 -27.38
N SER B 433 1.30 2.34 -28.16
CA SER B 433 -0.05 1.99 -27.75
C SER B 433 -0.16 0.47 -27.59
N TYR B 434 0.56 -0.26 -28.44
CA TYR B 434 0.56 -1.71 -28.42
C TYR B 434 1.17 -2.24 -27.11
N LEU B 435 2.34 -1.73 -26.74
CA LEU B 435 3.02 -2.16 -25.54
C LEU B 435 2.21 -1.80 -24.29
N THR B 436 1.57 -0.63 -24.31
CA THR B 436 0.76 -0.18 -23.18
C THR B 436 -0.40 -1.16 -22.97
N ALA B 437 -1.18 -1.38 -24.03
CA ALA B 437 -2.32 -2.28 -23.98
C ALA B 437 -1.92 -3.71 -23.60
N LEU B 438 -0.80 -4.18 -24.16
CA LEU B 438 -0.34 -5.54 -23.85
C LEU B 438 -0.08 -5.65 -22.35
N ALA B 439 0.63 -4.67 -21.80
CA ALA B 439 0.97 -4.65 -20.39
C ALA B 439 -0.28 -4.54 -19.52
N ALA B 440 -1.22 -3.72 -19.95
CA ALA B 440 -2.46 -3.53 -19.21
C ALA B 440 -3.21 -4.86 -19.10
N GLU B 441 -3.17 -5.64 -20.17
CA GLU B 441 -3.83 -6.95 -20.22
C GLU B 441 -3.12 -7.95 -19.30
N ILE B 442 -1.78 -7.93 -19.35
CA ILE B 442 -0.95 -8.82 -18.54
C ILE B 442 -1.09 -8.57 -17.02
N ARG B 443 -1.19 -7.29 -16.64
CA ARG B 443 -1.33 -6.94 -15.23
C ARG B 443 -2.78 -7.13 -14.80
N LYS B 444 -3.10 -8.33 -14.35
CA LYS B 444 -4.46 -8.65 -13.92
C LYS B 444 -4.74 -8.24 -12.48
N GLU B 445 -4.76 -6.94 -12.28
CA GLU B 445 -5.03 -6.32 -10.98
C GLU B 445 -5.25 -4.84 -11.22
N SER B 446 -5.50 -4.11 -10.15
CA SER B 446 -5.68 -2.66 -10.20
C SER B 446 -4.65 -2.12 -9.22
N ARG B 447 -3.79 -1.21 -9.71
CA ARG B 447 -2.75 -0.61 -8.90
C ARG B 447 -2.46 0.79 -9.42
N GLY B 448 -2.51 1.78 -8.53
CA GLY B 448 -2.25 3.16 -8.94
C GLY B 448 -3.19 3.63 -10.03
N ASN B 449 -2.63 4.21 -11.09
CA ASN B 449 -3.46 4.69 -12.19
C ASN B 449 -3.90 3.59 -13.14
N HIS B 450 -3.62 2.34 -12.78
CA HIS B 450 -4.02 1.21 -13.61
C HIS B 450 -5.21 0.53 -12.94
N PHE B 451 -6.40 0.74 -13.51
CA PHE B 451 -7.60 0.17 -12.95
C PHE B 451 -8.33 -0.76 -13.91
N ARG B 452 -8.58 -1.98 -13.45
CA ARG B 452 -9.28 -2.95 -14.25
C ARG B 452 -10.56 -3.33 -13.51
N GLU B 453 -11.70 -3.06 -14.14
CA GLU B 453 -12.97 -3.38 -13.52
C GLU B 453 -13.13 -4.89 -13.37
N ASP B 454 -12.46 -5.65 -14.21
CA ASP B 454 -12.54 -7.11 -14.13
C ASP B 454 -11.54 -7.68 -13.11
N TYR B 455 -10.65 -6.83 -12.62
CA TYR B 455 -9.64 -7.18 -11.61
C TYR B 455 -9.45 -5.91 -10.78
N PRO B 456 -10.47 -5.54 -10.00
CA PRO B 456 -10.52 -4.35 -9.13
C PRO B 456 -9.60 -4.27 -7.92
N TYR B 457 -8.86 -5.33 -7.63
CA TYR B 457 -7.98 -5.31 -6.47
C TYR B 457 -6.50 -5.42 -6.81
N LYS B 458 -5.65 -5.02 -5.88
CA LYS B 458 -4.21 -5.07 -6.06
C LYS B 458 -3.74 -6.49 -5.72
N ASP B 459 -2.98 -7.09 -6.63
CA ASP B 459 -2.46 -8.45 -6.44
C ASP B 459 -1.03 -8.41 -5.90
N PRO B 460 -0.81 -8.97 -4.70
CA PRO B 460 0.54 -8.95 -4.12
C PRO B 460 1.57 -9.60 -5.05
N ASN B 461 1.14 -10.58 -5.82
CA ASN B 461 2.03 -11.28 -6.74
C ASN B 461 2.44 -10.40 -7.90
N TRP B 462 1.80 -9.25 -8.02
CA TRP B 462 2.12 -8.34 -9.10
C TRP B 462 2.95 -7.14 -8.67
N GLU B 463 3.70 -7.30 -7.58
CA GLU B 463 4.54 -6.22 -7.11
C GLU B 463 5.86 -6.29 -7.86
N LYS B 464 5.76 -6.28 -9.19
CA LYS B 464 6.91 -6.33 -10.08
C LYS B 464 6.57 -5.65 -11.40
N ARG B 465 7.60 -5.32 -12.17
CA ARG B 465 7.42 -4.63 -13.43
C ARG B 465 7.21 -5.56 -14.62
N ILE B 466 6.69 -4.97 -15.69
CA ILE B 466 6.46 -5.66 -16.95
C ILE B 466 7.41 -4.99 -17.95
N TYR B 467 8.43 -5.71 -18.37
CA TYR B 467 9.43 -5.20 -19.31
C TYR B 467 9.16 -5.68 -20.73
N PHE B 468 9.58 -4.86 -21.69
CA PHE B 468 9.43 -5.19 -23.09
C PHE B 468 10.78 -5.03 -23.77
N LYS B 469 11.01 -5.85 -24.79
CA LYS B 469 12.23 -5.80 -25.56
C LYS B 469 11.89 -6.33 -26.94
N LEU B 470 12.38 -5.65 -27.97
CA LEU B 470 12.12 -6.04 -29.35
C LEU B 470 12.95 -7.22 -29.82
N VAL B 471 12.27 -8.17 -30.45
CA VAL B 471 12.92 -9.33 -31.04
C VAL B 471 12.37 -9.43 -32.45
N VAL B 472 13.11 -10.10 -33.32
CA VAL B 472 12.69 -10.26 -34.70
C VAL B 472 12.00 -11.60 -34.87
CL CL C . -0.23 -18.11 11.50
PA FAD D . -3.35 -16.64 24.50
O1A FAD D . -4.60 -16.48 23.65
O2A FAD D . -2.43 -17.76 24.07
O5B FAD D . -3.53 -16.20 26.05
C5B FAD D . -4.81 -16.15 26.64
C4B FAD D . -4.54 -16.45 28.11
O4B FAD D . -5.14 -15.47 28.93
C3B FAD D . -5.25 -17.75 28.34
O3B FAD D . -4.46 -18.54 29.21
C2B FAD D . -6.57 -17.33 28.94
O2B FAD D . -7.10 -18.40 29.70
C1B FAD D . -6.13 -16.11 29.73
N9A FAD D . -7.20 -15.14 30.08
C8A FAD D . -8.11 -14.52 29.27
N7A FAD D . -8.88 -13.70 30.03
C5A FAD D . -8.48 -13.81 31.30
C6A FAD D . -8.91 -13.23 32.50
N6A FAD D . -9.89 -12.31 32.52
N1A FAD D . -8.26 -13.54 33.68
C2A FAD D . -7.21 -14.43 33.70
N3A FAD D . -6.78 -15.00 32.52
C4A FAD D . -7.41 -14.70 31.35
N1 FAD D . -0.01 -17.26 15.36
C2 FAD D . 1.20 -17.62 14.81
O2 FAD D . 2.12 -16.82 14.85
N3 FAD D . 1.42 -18.88 14.29
C4 FAD D . 0.38 -19.77 14.27
O4 FAD D . 0.51 -20.90 13.80
C4X FAD D . -0.86 -19.43 14.79
N5 FAD D . -1.87 -20.36 14.74
C5X FAD D . -3.09 -20.06 15.26
C6 FAD D . -4.08 -21.04 15.20
C7 FAD D . -5.34 -20.78 15.73
C7M FAD D . -6.38 -21.88 15.65
C8 FAD D . -5.60 -19.53 16.32
C8M FAD D . -6.95 -19.19 16.90
C9 FAD D . -4.60 -18.55 16.37
C9A FAD D . -3.33 -18.80 15.85
N10 FAD D . -2.32 -17.82 15.90
C10 FAD D . -1.08 -18.16 15.34
C1' FAD D . -2.34 -16.82 17.04
C2' FAD D . -1.46 -17.40 18.19
O2' FAD D . -1.73 -18.79 18.27
C3' FAD D . -1.12 -16.71 19.55
O3' FAD D . -1.24 -17.57 20.68
C4' FAD D . -2.03 -15.55 19.87
O4' FAD D . -1.96 -14.62 18.79
C5' FAD D . -1.87 -14.95 21.29
O5' FAD D . -1.04 -15.56 22.27
P FAD D . -1.07 -14.90 23.76
O1P FAD D . -0.14 -15.45 24.82
O2P FAD D . -1.05 -13.42 23.71
O3P FAD D . -2.55 -15.27 24.28
CL CL E . 2.45 18.58 -10.69
PA FAD F . 9.22 17.56 -22.31
O1A FAD F . 7.89 16.84 -22.52
O2A FAD F . 9.13 18.79 -21.43
O5B FAD F . 10.30 17.36 -23.50
C5B FAD F . 9.83 17.04 -24.79
C4B FAD F . 10.89 17.58 -25.72
O4B FAD F . 11.33 16.56 -26.61
C3B FAD F . 10.13 18.61 -26.52
O3B FAD F . 10.95 19.72 -26.76
C2B FAD F . 9.79 17.89 -27.80
O2B FAD F . 9.65 18.82 -28.83
C1B FAD F . 10.98 16.94 -27.92
N9A FAD F . 10.70 15.76 -28.75
C8A FAD F . 9.69 14.85 -28.67
N7A FAD F . 9.86 13.93 -29.64
C5A FAD F . 10.98 14.25 -30.34
C6A FAD F . 11.64 13.68 -31.42
N6A FAD F . 11.23 12.51 -31.93
N1A FAD F . 12.80 14.25 -31.88
C2A FAD F . 13.30 15.41 -31.31
N3A FAD F . 12.66 15.95 -30.24
C4A FAD F . 11.52 15.39 -29.77
N1 FAD F . 5.29 18.31 -13.32
C2 FAD F . 5.68 18.89 -12.15
O2 FAD F . 6.58 18.35 -11.52
N3 FAD F . 5.09 20.06 -11.70
C4 FAD F . 4.08 20.65 -12.46
O4 FAD F . 3.52 21.69 -12.12
C4X FAD F . 3.68 20.06 -13.65
N5 FAD F . 2.67 20.65 -14.39
C5X FAD F . 2.26 20.09 -15.57
C6 FAD F . 1.26 20.71 -16.33
C7 FAD F . 0.84 20.15 -17.53
C7M FAD F . -0.26 20.85 -18.30
C8 FAD F . 1.44 18.98 -18.00
C8M FAD F . 1.04 18.34 -19.30
C9 FAD F . 2.45 18.37 -17.26
C9A FAD F . 2.87 18.92 -16.03
N10 FAD F . 3.88 18.32 -15.29
C10 FAD F . 4.29 18.89 -14.08
C1' FAD F . 4.67 17.17 -15.84
C2' FAD F . 5.99 17.72 -16.36
O2' FAD F . 5.79 18.95 -17.00
C3' FAD F . 6.69 16.76 -17.32
O3' FAD F . 6.80 15.48 -16.77
C4' FAD F . 8.09 17.30 -17.58
O4' FAD F . 8.06 18.60 -18.15
C5' FAD F . 8.88 16.32 -18.45
O5' FAD F . 9.81 17.13 -19.13
P FAD F . 10.94 16.57 -20.14
O1P FAD F . 12.09 17.51 -20.39
O2P FAD F . 11.38 15.16 -19.79
O3P FAD F . 9.96 16.45 -21.41
#